data_3IGQ
#
_entry.id   3IGQ
#
_cell.length_a   84.450
_cell.length_b   130.240
_cell.length_c   113.590
_cell.angle_alpha   90.00
_cell.angle_beta   90.00
_cell.angle_gamma   90.00
#
_symmetry.space_group_name_H-M   'P 21 21 2'
#
loop_
_entity.id
_entity.type
_entity.pdbx_description
1 polymer 'Glr4197 protein'
2 non-polymer 'ACETIC ACID'
3 non-polymer 'SODIUM ION'
4 non-polymer 'MERCURY (II) ION'
5 non-polymer 'CHLORIDE ION'
6 water water
#
_entity_poly.entity_id   1
_entity_poly.type   'polypeptide(L)'
_entity_poly.pdbx_seq_one_letter_code
;AQDMVSPPPPIADEPLTVNTGIYLIECYSLDDKAETFKVNAFLSLSWKDRRLAFDPVRSGVRVKTYEPEAIWIPEIRFVN
VENARDADVVDISVSPDGTVQYLERFSARVLSPLDGRRTESDSQTLHIYLIVRSVDTRNIVLAVDLEKVGKNDDVFLTGW
DIESFTAVVKPANFALEDRLESKLDYQLRISRQGGHHHHHH
;
_entity_poly.pdbx_strand_id   A,B,C,D,E,F
#
loop_
_chem_comp.id
_chem_comp.type
_chem_comp.name
_chem_comp.formula
ACY non-polymer 'ACETIC ACID' 'C2 H4 O2'
CL non-polymer 'CHLORIDE ION' 'Cl -1'
HG non-polymer 'MERCURY (II) ION' 'Hg 2'
NA non-polymer 'SODIUM ION' 'Na 1'
#
# COMPACT_ATOMS: atom_id res chain seq x y z
N MET A 4 46.20 2.50 -3.49
CA MET A 4 45.32 2.79 -2.32
C MET A 4 46.06 2.44 -1.04
N VAL A 5 47.12 1.64 -1.18
CA VAL A 5 47.88 1.24 -0.04
C VAL A 5 49.23 1.96 0.08
N SER A 6 49.42 3.04 -0.69
CA SER A 6 50.44 4.00 -0.32
C SER A 6 49.80 4.99 0.68
N PRO A 7 50.60 5.83 1.36
CA PRO A 7 50.09 6.80 2.37
C PRO A 7 49.16 7.85 1.75
N PRO A 8 48.23 8.41 2.55
CA PRO A 8 47.41 9.45 1.96
C PRO A 8 48.23 10.66 1.57
N PRO A 9 47.96 11.14 0.38
CA PRO A 9 48.62 12.30 -0.16
C PRO A 9 48.37 13.46 0.76
N PRO A 10 49.41 14.24 0.93
CA PRO A 10 49.37 15.45 1.73
C PRO A 10 48.09 16.22 1.55
N ILE A 11 47.65 16.80 2.65
CA ILE A 11 46.57 17.76 2.66
C ILE A 11 47.26 19.05 3.02
N ALA A 12 46.87 20.14 2.39
CA ALA A 12 47.56 21.39 2.64
C ALA A 12 47.20 21.71 4.08
N ASP A 13 48.20 22.11 4.87
CA ASP A 13 47.99 22.72 6.18
C ASP A 13 47.86 21.77 7.36
N GLU A 14 47.97 20.46 7.11
CA GLU A 14 47.98 19.48 8.22
C GLU A 14 48.93 18.33 7.91
N PRO A 15 49.64 17.85 8.94
CA PRO A 15 50.49 16.71 8.74
C PRO A 15 49.67 15.43 8.67
N LEU A 16 50.33 14.28 8.55
CA LEU A 16 49.56 13.10 8.79
C LEU A 16 49.56 12.79 10.25
N THR A 17 48.62 13.37 10.97
CA THR A 17 48.42 13.10 12.40
C THR A 17 47.72 11.77 12.53
N VAL A 18 48.24 10.93 13.40
CA VAL A 18 47.57 9.70 13.76
C VAL A 18 47.25 9.78 15.25
N ASN A 19 45.98 9.89 15.57
CA ASN A 19 45.52 9.90 16.92
C ASN A 19 45.35 8.49 17.43
N THR A 20 45.80 8.29 18.66
CA THR A 20 45.85 6.95 19.20
C THR A 20 45.18 6.97 20.56
N GLY A 21 44.70 5.81 20.98
CA GLY A 21 44.16 5.63 22.31
C GLY A 21 44.36 4.19 22.63
N ILE A 22 44.48 3.88 23.91
CA ILE A 22 44.62 2.51 24.36
C ILE A 22 43.59 2.39 25.45
N TYR A 23 42.74 1.38 25.35
CA TYR A 23 41.80 1.11 26.43
C TYR A 23 42.16 -0.23 27.06
N LEU A 24 42.59 -0.23 28.32
CA LEU A 24 43.07 -1.47 28.95
C LEU A 24 41.92 -2.36 29.35
N ILE A 25 41.95 -3.61 28.95
CA ILE A 25 40.95 -4.60 29.30
C ILE A 25 41.41 -5.40 30.53
N GLU A 26 42.67 -5.85 30.52
CA GLU A 26 43.24 -6.57 31.66
C GLU A 26 44.75 -6.53 31.62
N CYS A 27 45.36 -6.33 32.78
CA CYS A 27 46.78 -6.57 32.97
C CYS A 27 46.97 -7.81 33.88
N TYR A 28 47.99 -8.62 33.59
CA TYR A 28 48.08 -9.91 34.26
C TYR A 28 49.41 -10.57 34.07
N SER A 29 49.69 -11.56 34.91
CA SER A 29 50.84 -12.40 34.73
C SER A 29 52.15 -11.63 34.88
N LEU A 30 52.24 -10.80 35.92
CA LEU A 30 53.50 -10.23 36.38
C LEU A 30 54.44 -11.38 36.63
N ASP A 31 55.67 -11.33 36.06
CA ASP A 31 56.60 -12.47 36.16
C ASP A 31 57.29 -12.46 37.50
N ASP A 32 58.07 -13.50 37.82
CA ASP A 32 58.65 -13.63 39.17
C ASP A 32 59.60 -12.52 39.55
N LYS A 33 60.17 -11.83 38.58
CA LYS A 33 61.05 -10.71 38.93
C LYS A 33 60.35 -9.34 38.87
N ALA A 34 59.05 -9.35 38.54
CA ALA A 34 58.28 -8.09 38.40
C ALA A 34 58.93 -7.18 37.34
N GLU A 35 59.37 -7.80 36.27
CA GLU A 35 60.05 -7.04 35.21
C GLU A 35 59.14 -6.81 34.07
N THR A 36 58.23 -7.77 33.83
CA THR A 36 57.32 -7.77 32.67
C THR A 36 55.95 -8.34 33.08
N PHE A 37 54.92 -8.01 32.30
CA PHE A 37 53.55 -8.37 32.60
C PHE A 37 52.81 -8.32 31.29
N LYS A 38 51.71 -9.05 31.18
CA LYS A 38 50.94 -9.03 29.98
C LYS A 38 49.85 -7.95 30.03
N VAL A 39 49.48 -7.48 28.85
CA VAL A 39 48.43 -6.48 28.75
C VAL A 39 47.48 -6.95 27.70
N ASN A 40 46.19 -6.87 28.01
CA ASN A 40 45.20 -7.08 26.98
C ASN A 40 44.45 -5.75 26.82
N ALA A 41 44.38 -5.22 25.59
CA ALA A 41 43.77 -3.91 25.40
C ALA A 41 43.25 -3.66 23.99
N PHE A 42 42.52 -2.54 23.82
CA PHE A 42 42.20 -2.05 22.50
C PHE A 42 43.14 -0.90 22.14
N LEU A 43 43.52 -0.86 20.89
CA LEU A 43 44.30 0.22 20.35
C LEU A 43 43.41 0.84 19.28
N SER A 44 43.14 2.14 19.41
CA SER A 44 42.42 2.92 18.44
C SER A 44 43.38 3.76 17.71
N LEU A 45 43.19 3.88 16.42
CA LEU A 45 44.00 4.81 15.67
C LEU A 45 43.01 5.57 14.79
N SER A 46 43.31 6.82 14.54
CA SER A 46 42.48 7.65 13.70
C SER A 46 43.35 8.60 12.82
N TRP A 47 43.03 8.76 11.54
CA TRP A 47 43.80 9.66 10.68
C TRP A 47 42.93 9.97 9.47
N LYS A 48 43.32 10.98 8.70
CA LYS A 48 42.54 11.39 7.54
C LYS A 48 43.11 10.74 6.27
N ASP A 49 42.26 10.24 5.39
CA ASP A 49 42.69 9.80 4.07
C ASP A 49 41.66 10.32 3.06
N ARG A 50 42.00 11.42 2.38
CA ARG A 50 41.01 12.13 1.58
C ARG A 50 40.53 11.28 0.36
N ARG A 51 41.32 10.28 0.03
CA ARG A 51 40.98 9.38 -1.08
C ARG A 51 39.82 8.47 -0.69
N LEU A 52 39.51 8.41 0.59
CA LEU A 52 38.39 7.65 1.08
C LEU A 52 37.19 8.50 1.45
N ALA A 53 37.32 9.83 1.40
CA ALA A 53 36.18 10.73 1.50
C ALA A 53 35.07 10.34 0.50
N PHE A 54 33.81 10.51 0.91
CA PHE A 54 32.68 10.15 0.05
C PHE A 54 31.54 11.10 0.40
N ASP A 55 30.58 11.26 -0.52
CA ASP A 55 29.35 11.95 -0.26
C ASP A 55 28.31 11.00 0.31
N PRO A 56 27.90 11.21 1.57
CA PRO A 56 26.96 10.27 2.22
C PRO A 56 25.53 10.43 1.71
N VAL A 57 25.26 11.64 1.17
CA VAL A 57 23.96 12.00 0.54
C VAL A 57 23.79 11.27 -0.77
N ARG A 58 24.65 11.53 -1.75
CA ARG A 58 24.55 10.79 -2.99
C ARG A 58 24.83 9.29 -2.76
N SER A 59 25.80 8.94 -1.93
CA SER A 59 26.09 7.52 -1.73
C SER A 59 25.02 6.79 -0.92
N GLY A 60 24.38 7.53 -0.01
CA GLY A 60 23.29 7.06 0.78
C GLY A 60 23.81 6.34 1.99
N VAL A 61 25.04 6.68 2.41
CA VAL A 61 25.63 6.06 3.61
C VAL A 61 26.38 7.07 4.43
N ARG A 62 26.59 6.73 5.70
CA ARG A 62 27.18 7.66 6.63
C ARG A 62 28.53 7.14 7.07
N VAL A 63 28.77 5.83 6.93
CA VAL A 63 30.07 5.17 7.28
C VAL A 63 30.43 4.00 6.34
N LYS A 64 31.70 3.92 5.91
CA LYS A 64 32.13 2.78 5.09
C LYS A 64 33.09 1.92 5.90
N THR A 65 33.00 0.62 5.69
CA THR A 65 33.83 -0.36 6.37
C THR A 65 34.85 -0.88 5.40
N TYR A 66 36.07 -1.11 5.89
CA TYR A 66 37.13 -1.63 5.04
C TYR A 66 37.85 -2.76 5.72
N GLU A 67 38.58 -3.52 4.93
CA GLU A 67 39.40 -4.61 5.38
C GLU A 67 40.83 -4.05 5.34
N PRO A 68 41.66 -4.40 6.34
CA PRO A 68 42.99 -3.80 6.46
C PRO A 68 43.80 -3.89 5.19
N GLU A 69 43.57 -4.93 4.38
CA GLU A 69 44.37 -5.09 3.15
C GLU A 69 44.01 -4.06 2.07
N ALA A 70 42.83 -3.47 2.17
CA ALA A 70 42.31 -2.63 1.12
C ALA A 70 42.74 -1.18 1.27
N ILE A 71 43.28 -0.81 2.44
CA ILE A 71 43.65 0.59 2.69
C ILE A 71 45.03 0.74 3.34
N TRP A 72 45.59 1.95 3.29
CA TRP A 72 46.81 2.23 4.03
C TRP A 72 46.45 2.33 5.50
N ILE A 73 47.29 1.73 6.34
CA ILE A 73 47.19 1.81 7.79
C ILE A 73 48.54 2.08 8.41
N PRO A 74 48.65 3.09 9.30
CA PRO A 74 49.97 3.35 9.89
C PRO A 74 50.50 2.07 10.59
N GLU A 75 51.80 1.85 10.48
CA GLU A 75 52.41 0.77 11.19
C GLU A 75 52.98 1.26 12.52
N ILE A 76 52.32 0.80 13.58
CA ILE A 76 52.65 1.17 14.93
C ILE A 76 53.52 0.08 15.52
N ARG A 77 54.56 0.51 16.22
CA ARG A 77 55.41 -0.45 16.90
C ARG A 77 55.43 -0.09 18.34
N PHE A 78 55.07 -1.02 19.21
CA PHE A 78 55.35 -0.85 20.63
C PHE A 78 56.88 -1.06 20.88
N VAL A 79 57.51 -0.15 21.59
CA VAL A 79 58.95 -0.26 21.78
C VAL A 79 59.37 -1.33 22.83
N ASN A 80 58.83 -1.16 24.04
CA ASN A 80 59.21 -2.01 25.15
C ASN A 80 58.24 -3.19 25.33
N VAL A 81 58.20 -4.05 24.35
CA VAL A 81 57.45 -5.27 24.50
C VAL A 81 58.38 -6.42 24.18
N GLU A 82 58.12 -7.60 24.73
CA GLU A 82 58.94 -8.76 24.41
C GLU A 82 58.91 -9.06 22.92
N ASN A 83 57.72 -9.33 22.37
CA ASN A 83 57.56 -9.58 20.92
C ASN A 83 56.59 -8.52 20.35
N ALA A 84 56.64 -8.29 19.03
CA ALA A 84 55.55 -7.51 18.37
C ALA A 84 54.23 -7.95 18.96
N ARG A 85 53.35 -7.01 19.22
CA ARG A 85 52.08 -7.35 19.81
C ARG A 85 51.31 -8.33 18.97
N ASP A 86 50.39 -9.04 19.58
CA ASP A 86 49.52 -9.93 18.89
C ASP A 86 48.19 -9.19 18.76
N ALA A 87 47.82 -8.86 17.54
CA ALA A 87 46.65 -8.03 17.25
C ALA A 87 45.62 -8.69 16.34
N ASP A 88 44.36 -8.42 16.65
CA ASP A 88 43.25 -8.73 15.78
C ASP A 88 42.42 -7.48 15.48
N VAL A 89 42.36 -7.10 14.20
CA VAL A 89 41.51 -5.98 13.80
C VAL A 89 40.04 -6.20 14.18
N VAL A 90 39.44 -5.23 14.83
CA VAL A 90 38.04 -5.34 15.18
C VAL A 90 37.17 -4.56 14.18
N ASP A 91 37.57 -3.31 13.93
CA ASP A 91 36.80 -2.37 13.14
C ASP A 91 37.68 -1.36 12.39
N ILE A 92 37.42 -1.21 11.09
CA ILE A 92 37.94 -0.09 10.33
C ILE A 92 36.74 0.59 9.72
N SER A 93 36.48 1.83 10.13
CA SER A 93 35.39 2.53 9.50
C SER A 93 35.70 4.00 9.12
N VAL A 94 35.22 4.41 7.96
CA VAL A 94 35.60 5.68 7.42
C VAL A 94 34.37 6.59 7.40
N SER A 95 34.54 7.82 7.83
CA SER A 95 33.54 8.88 7.77
C SER A 95 33.53 9.59 6.42
N PRO A 96 32.46 10.36 6.13
CA PRO A 96 32.38 11.06 4.82
C PRO A 96 33.58 11.98 4.51
N ASP A 97 34.17 12.59 5.51
CA ASP A 97 35.30 13.47 5.25
C ASP A 97 36.65 12.74 5.12
N GLY A 98 36.63 11.42 5.11
CA GLY A 98 37.84 10.60 5.03
C GLY A 98 38.56 10.29 6.35
N THR A 99 37.94 10.56 7.49
CA THR A 99 38.52 10.14 8.75
C THR A 99 38.39 8.63 8.89
N VAL A 100 39.52 7.96 9.05
CA VAL A 100 39.53 6.52 9.26
C VAL A 100 39.63 6.30 10.76
N GLN A 101 38.75 5.43 11.27
CA GLN A 101 38.80 5.01 12.68
C GLN A 101 39.16 3.55 12.68
N TYR A 102 40.29 3.21 13.26
CA TYR A 102 40.76 1.83 13.23
C TYR A 102 40.76 1.33 14.63
N LEU A 103 40.29 0.12 14.85
CA LEU A 103 40.27 -0.46 16.21
C LEU A 103 40.80 -1.88 16.19
N GLU A 104 41.79 -2.19 17.03
CA GLU A 104 42.25 -3.59 17.15
C GLU A 104 42.24 -3.98 18.59
N ARG A 105 42.15 -5.28 18.87
CA ARG A 105 42.37 -5.82 20.24
C ARG A 105 43.76 -6.45 20.19
N PHE A 106 44.57 -6.23 21.20
CA PHE A 106 45.91 -6.73 21.16
C PHE A 106 46.31 -7.35 22.48
N SER A 107 47.39 -8.11 22.39
CA SER A 107 47.99 -8.72 23.54
C SER A 107 49.47 -8.44 23.46
N ALA A 108 50.11 -8.10 24.57
CA ALA A 108 51.55 -7.95 24.51
C ALA A 108 52.16 -8.12 25.89
N ARG A 109 53.44 -8.50 25.94
CA ARG A 109 54.18 -8.59 27.20
C ARG A 109 55.02 -7.35 27.28
N VAL A 110 54.67 -6.48 28.20
CA VAL A 110 55.26 -5.19 28.31
C VAL A 110 56.44 -5.29 29.26
N LEU A 111 57.55 -4.71 28.82
CA LEU A 111 58.80 -4.72 29.54
C LEU A 111 58.81 -3.42 30.26
N SER A 112 58.40 -3.39 31.52
CA SER A 112 58.44 -2.16 32.29
C SER A 112 58.53 -2.53 33.77
N PRO A 113 59.75 -2.71 34.28
CA PRO A 113 59.97 -3.30 35.62
C PRO A 113 59.38 -2.50 36.73
N LEU A 114 58.76 -3.18 37.68
CA LEU A 114 58.31 -2.50 38.92
C LEU A 114 59.52 -2.28 39.82
N ASP A 115 59.56 -1.12 40.47
CA ASP A 115 60.74 -0.68 41.22
C ASP A 115 60.96 -1.50 42.50
N ASP A 122 53.60 3.68 48.74
CA ASP A 122 53.64 4.62 47.61
C ASP A 122 53.51 4.00 46.20
N SER A 123 53.63 4.88 45.20
CA SER A 123 53.24 4.63 43.85
C SER A 123 54.37 4.79 42.83
N GLN A 124 54.19 4.17 41.65
CA GLN A 124 55.14 4.31 40.57
C GLN A 124 54.46 4.30 39.19
N THR A 125 55.28 4.44 38.14
CA THR A 125 54.79 4.70 36.79
C THR A 125 55.43 3.70 35.88
N LEU A 126 54.60 2.84 35.29
CA LEU A 126 55.05 1.91 34.26
C LEU A 126 54.79 2.57 32.91
N HIS A 127 55.45 2.09 31.86
CA HIS A 127 55.33 2.76 30.57
C HIS A 127 55.09 1.81 29.43
N ILE A 128 54.26 2.25 28.49
CA ILE A 128 54.18 1.60 27.19
C ILE A 128 54.54 2.67 26.16
N TYR A 129 55.59 2.42 25.38
CA TYR A 129 56.06 3.39 24.40
C TYR A 129 55.67 2.93 23.03
N LEU A 130 55.20 3.88 22.24
CA LEU A 130 54.76 3.60 20.88
C LEU A 130 55.47 4.52 19.96
N ILE A 131 55.93 3.97 18.84
CA ILE A 131 56.34 4.75 17.69
C ILE A 131 55.60 4.31 16.43
N VAL A 132 55.81 5.03 15.34
CA VAL A 132 55.18 4.70 14.06
C VAL A 132 56.27 4.64 13.00
N ARG A 133 56.16 3.74 12.03
CA ARG A 133 57.16 3.66 10.98
C ARG A 133 57.02 4.83 10.04
N SER A 134 58.15 5.43 9.65
CA SER A 134 58.15 6.57 8.76
C SER A 134 57.89 6.12 7.35
N VAL A 135 57.36 7.05 6.55
CA VAL A 135 57.15 6.90 5.10
C VAL A 135 57.73 8.16 4.44
N ASP A 136 58.14 8.10 3.18
CA ASP A 136 58.82 9.29 2.58
C ASP A 136 57.94 10.38 2.02
N THR A 137 56.71 10.03 1.60
CA THR A 137 55.75 11.03 1.07
C THR A 137 55.04 11.85 2.15
N ARG A 138 55.20 11.45 3.40
CA ARG A 138 54.56 12.19 4.46
C ARG A 138 55.43 12.26 5.69
N ASN A 139 55.20 13.27 6.52
CA ASN A 139 55.62 13.22 7.91
C ASN A 139 54.47 12.74 8.81
N ILE A 140 54.65 11.57 9.40
CA ILE A 140 53.63 10.98 10.24
C ILE A 140 53.86 11.28 11.69
N VAL A 141 52.87 11.87 12.32
CA VAL A 141 52.98 12.37 13.68
C VAL A 141 51.96 11.69 14.62
N LEU A 142 52.43 11.15 15.73
CA LEU A 142 51.55 10.48 16.66
C LEU A 142 50.94 11.48 17.61
N ALA A 143 49.65 11.39 17.85
CA ALA A 143 49.01 12.19 18.86
C ALA A 143 48.15 11.25 19.76
N VAL A 144 47.62 11.83 20.84
CA VAL A 144 46.87 11.10 21.82
C VAL A 144 45.48 11.65 21.81
N ASP A 145 44.48 10.78 21.66
CA ASP A 145 43.08 11.18 21.81
C ASP A 145 42.61 10.66 23.15
N LEU A 146 42.52 11.56 24.15
CA LEU A 146 42.23 11.17 25.54
C LEU A 146 40.84 10.57 25.76
N GLU A 147 39.91 10.86 24.86
CA GLU A 147 38.60 10.18 24.93
C GLU A 147 38.68 8.68 24.62
N LYS A 148 39.75 8.26 23.95
CA LYS A 148 39.96 6.87 23.57
C LYS A 148 41.01 6.19 24.47
N VAL A 149 41.39 6.86 25.54
CA VAL A 149 42.34 6.33 26.48
C VAL A 149 41.58 6.03 27.76
N GLY A 150 41.61 4.77 28.19
CA GLY A 150 40.98 4.40 29.42
C GLY A 150 41.35 3.04 29.96
N LYS A 151 40.62 2.61 30.97
CA LYS A 151 40.88 1.32 31.61
C LYS A 151 39.57 0.75 32.12
N ASN A 152 39.47 -0.57 32.05
CA ASN A 152 38.31 -1.28 32.56
C ASN A 152 38.10 -1.15 34.07
N ASP A 153 39.16 -1.06 34.86
CA ASP A 153 38.96 -0.84 36.27
C ASP A 153 40.16 -0.27 37.00
N ASP A 154 40.11 -0.31 38.33
CA ASP A 154 41.07 0.38 39.19
C ASP A 154 42.17 -0.54 39.69
N VAL A 155 42.11 -1.82 39.35
CA VAL A 155 43.09 -2.75 39.84
C VAL A 155 44.06 -3.12 38.72
N PHE A 156 45.37 -2.93 38.96
CA PHE A 156 46.38 -3.16 37.94
C PHE A 156 46.47 -4.66 37.74
N LEU A 157 46.93 -5.30 38.76
CA LEU A 157 46.84 -6.73 38.87
C LEU A 157 46.98 -6.98 40.34
N THR A 158 47.06 -8.24 40.72
CA THR A 158 46.97 -8.66 42.12
C THR A 158 48.00 -7.96 42.97
N GLY A 159 47.54 -7.07 43.83
CA GLY A 159 48.44 -6.36 44.74
C GLY A 159 48.57 -4.85 44.53
N TRP A 160 48.09 -4.38 43.38
CA TRP A 160 48.39 -3.05 42.92
C TRP A 160 47.15 -2.40 42.34
N ASP A 161 46.90 -1.16 42.73
CA ASP A 161 45.84 -0.37 42.16
C ASP A 161 46.38 0.48 41.01
N ILE A 162 45.48 0.90 40.12
CA ILE A 162 45.81 1.89 39.13
C ILE A 162 45.34 3.24 39.63
N GLU A 163 46.25 4.18 39.76
CA GLU A 163 45.91 5.53 40.11
C GLU A 163 45.40 6.29 38.88
N SER A 164 46.14 6.20 37.76
CA SER A 164 45.72 6.81 36.49
C SER A 164 46.36 6.11 35.30
N PHE A 165 45.81 6.37 34.12
CA PHE A 165 46.40 5.91 32.85
C PHE A 165 46.23 7.07 31.89
N THR A 166 47.33 7.68 31.49
CA THR A 166 47.30 8.71 30.45
C THR A 166 48.43 8.46 29.49
N ALA A 167 48.55 9.37 28.52
CA ALA A 167 49.61 9.34 27.52
C ALA A 167 50.18 10.72 27.26
N VAL A 168 51.44 10.74 26.85
CA VAL A 168 52.20 11.96 26.78
C VAL A 168 52.96 11.87 25.47
N VAL A 169 53.03 13.00 24.74
CA VAL A 169 53.83 13.07 23.53
C VAL A 169 55.24 13.49 23.88
N LYS A 170 56.21 12.64 23.58
CA LYS A 170 57.59 12.92 23.98
C LYS A 170 58.46 13.06 22.72
N PRO A 171 59.70 13.60 22.87
CA PRO A 171 60.56 13.70 21.64
C PRO A 171 60.90 12.34 21.00
N LEU A 180 58.90 15.26 10.65
CA LEU A 180 58.37 15.30 12.03
C LEU A 180 57.88 13.93 12.53
N GLU A 181 57.88 13.78 13.83
CA GLU A 181 57.77 12.48 14.40
C GLU A 181 57.50 12.73 15.85
N SER A 182 57.55 11.66 16.65
CA SER A 182 57.17 11.64 18.06
C SER A 182 57.42 10.21 18.57
N LYS A 183 57.19 10.00 19.86
CA LYS A 183 56.98 8.66 20.38
C LYS A 183 55.93 8.95 21.46
N LEU A 184 55.01 8.02 21.66
CA LEU A 184 54.01 8.20 22.67
C LEU A 184 54.42 7.47 23.92
N ASP A 185 54.23 8.07 25.08
CA ASP A 185 54.56 7.40 26.30
C ASP A 185 53.26 7.22 27.07
N TYR A 186 52.67 6.00 27.02
CA TYR A 186 51.47 5.74 27.78
C TYR A 186 51.88 5.43 29.22
N GLN A 187 51.30 6.15 30.15
CA GLN A 187 51.78 6.07 31.52
C GLN A 187 50.77 5.40 32.42
N LEU A 188 51.18 4.29 33.05
CA LEU A 188 50.30 3.62 33.99
C LEU A 188 50.81 3.81 35.44
N ARG A 189 50.17 4.72 36.16
CA ARG A 189 50.57 5.01 37.53
C ARG A 189 49.86 4.08 38.51
N ILE A 190 50.64 3.35 39.28
CA ILE A 190 50.12 2.30 40.15
C ILE A 190 50.61 2.48 41.57
N SER A 191 49.93 1.87 42.52
CA SER A 191 50.37 1.89 43.92
C SER A 191 49.93 0.63 44.67
N ARG A 192 50.68 0.30 45.72
CA ARG A 192 50.44 -0.91 46.47
C ARG A 192 49.10 -0.84 47.17
N GLN A 193 48.42 -1.99 47.21
CA GLN A 193 47.13 -2.04 47.87
C GLN A 193 47.29 -2.02 49.38
N MET B 4 28.49 -14.17 -2.47
CA MET B 4 27.65 -14.71 -1.43
C MET B 4 28.33 -14.62 -0.06
N VAL B 5 29.51 -13.99 -0.06
CA VAL B 5 30.26 -13.83 1.16
C VAL B 5 30.26 -12.39 1.62
N SER B 6 29.34 -11.58 1.08
CA SER B 6 28.95 -10.34 1.74
C SER B 6 27.74 -10.59 2.68
N PRO B 7 27.52 -9.67 3.61
CA PRO B 7 26.41 -9.77 4.59
C PRO B 7 25.02 -9.89 3.96
N PRO B 8 24.12 -10.65 4.58
CA PRO B 8 22.79 -10.73 3.97
C PRO B 8 22.09 -9.36 3.94
N PRO B 9 21.34 -9.10 2.85
CA PRO B 9 20.59 -7.84 2.73
C PRO B 9 19.33 -7.90 3.58
N PRO B 10 18.81 -6.76 4.07
CA PRO B 10 17.66 -6.92 4.99
C PRO B 10 16.33 -7.31 4.34
N ILE B 11 15.39 -7.87 5.09
CA ILE B 11 14.04 -8.01 4.55
C ILE B 11 13.52 -6.55 4.33
N ALA B 12 13.68 -5.70 5.34
CA ALA B 12 13.26 -4.30 5.30
C ALA B 12 14.36 -3.27 5.72
N ASP B 13 14.35 -2.97 7.03
CA ASP B 13 15.33 -2.11 7.68
C ASP B 13 15.56 -2.74 9.05
N GLU B 14 15.25 -4.03 9.17
CA GLU B 14 15.47 -4.75 10.41
C GLU B 14 16.99 -5.00 10.56
N PRO B 15 17.54 -4.82 11.77
CA PRO B 15 18.99 -5.04 11.86
C PRO B 15 19.27 -6.56 11.75
N LEU B 16 20.51 -6.98 11.62
CA LEU B 16 20.81 -8.42 11.54
C LEU B 16 21.03 -8.90 12.98
N THR B 17 20.07 -9.64 13.53
CA THR B 17 20.19 -10.24 14.83
C THR B 17 21.04 -11.49 14.71
N VAL B 18 22.08 -11.57 15.52
CA VAL B 18 22.84 -12.78 15.64
C VAL B 18 22.57 -13.34 17.03
N ASN B 19 21.90 -14.49 17.07
CA ASN B 19 21.74 -15.22 18.33
C ASN B 19 22.91 -16.08 18.65
N THR B 20 23.39 -15.96 19.86
CA THR B 20 24.59 -16.70 20.28
C THR B 20 24.25 -17.55 21.48
N GLY B 21 25.06 -18.57 21.71
CA GLY B 21 24.97 -19.38 22.88
C GLY B 21 26.37 -19.96 23.07
N ILE B 22 26.74 -20.22 24.31
CA ILE B 22 27.94 -20.91 24.62
C ILE B 22 27.53 -22.05 25.52
N TYR B 23 27.96 -23.26 25.20
CA TYR B 23 27.76 -24.41 26.06
C TYR B 23 29.13 -24.86 26.62
N LEU B 24 29.33 -24.73 27.93
CA LEU B 24 30.67 -25.02 28.48
C LEU B 24 30.90 -26.51 28.56
N ILE B 25 32.03 -27.00 28.03
CA ILE B 25 32.35 -28.40 28.12
C ILE B 25 33.24 -28.63 29.34
N GLU B 26 34.33 -27.85 29.44
CA GLU B 26 35.24 -27.92 30.58
C GLU B 26 35.94 -26.58 30.84
N CYS B 27 36.08 -26.20 32.10
CA CYS B 27 37.03 -25.18 32.50
C CYS B 27 38.17 -25.86 33.27
N TYR B 28 39.38 -25.32 33.10
CA TYR B 28 40.53 -25.98 33.66
C TYR B 28 41.72 -25.03 33.65
N SER B 29 42.76 -25.45 34.35
CA SER B 29 44.06 -24.83 34.30
C SER B 29 44.03 -23.38 34.76
N LEU B 30 43.38 -23.13 35.88
CA LEU B 30 43.50 -21.88 36.57
C LEU B 30 44.99 -21.61 36.82
N ASP B 31 45.49 -20.41 36.48
CA ASP B 31 46.92 -20.14 36.67
C ASP B 31 47.28 -19.85 38.13
N ASP B 32 48.57 -19.78 38.45
CA ASP B 32 48.99 -19.62 39.85
C ASP B 32 48.47 -18.33 40.51
N LYS B 33 48.13 -17.32 39.74
CA LYS B 33 47.63 -16.08 40.31
C LYS B 33 46.12 -16.01 40.31
N ALA B 34 45.49 -17.06 39.76
CA ALA B 34 44.03 -17.10 39.60
C ALA B 34 43.54 -15.90 38.79
N GLU B 35 44.29 -15.61 37.73
CA GLU B 35 43.91 -14.48 36.88
C GLU B 35 43.24 -14.98 35.64
N THR B 36 43.64 -16.16 35.20
CA THR B 36 43.22 -16.70 33.91
C THR B 36 42.97 -18.22 34.03
N PHE B 37 42.15 -18.74 33.11
CA PHE B 37 41.82 -20.13 33.08
C PHE B 37 41.42 -20.48 31.66
N LYS B 38 41.54 -21.75 31.29
CA LYS B 38 41.10 -22.20 29.98
C LYS B 38 39.64 -22.67 29.96
N VAL B 39 39.03 -22.48 28.81
CA VAL B 39 37.67 -22.88 28.63
C VAL B 39 37.59 -23.69 27.34
N ASN B 40 36.84 -24.77 27.41
CA ASN B 40 36.57 -25.57 26.25
C ASN B 40 35.04 -25.56 26.11
N ALA B 41 34.51 -25.15 24.96
CA ALA B 41 33.08 -24.95 24.85
C ALA B 41 32.56 -25.00 23.39
N PHE B 42 31.24 -25.00 23.26
CA PHE B 42 30.60 -24.82 21.98
C PHE B 42 30.11 -23.39 21.90
N LEU B 43 30.29 -22.77 20.75
CA LEU B 43 29.66 -21.50 20.45
C LEU B 43 28.70 -21.76 19.29
N SER B 44 27.42 -21.40 19.52
CA SER B 44 26.35 -21.38 18.53
C SER B 44 26.09 -19.98 18.06
N LEU B 45 25.89 -19.83 16.76
CA LEU B 45 25.44 -18.56 16.24
C LEU B 45 24.31 -18.91 15.35
N SER B 46 23.30 -18.05 15.38
CA SER B 46 22.14 -18.22 14.48
C SER B 46 21.79 -16.85 13.89
N TRP B 47 21.48 -16.77 12.60
CA TRP B 47 21.02 -15.54 11.94
C TRP B 47 20.30 -15.94 10.64
N LYS B 48 19.58 -15.00 10.04
CA LYS B 48 18.81 -15.23 8.83
C LYS B 48 19.57 -14.71 7.61
N ASP B 49 19.68 -15.55 6.56
CA ASP B 49 20.24 -15.15 5.29
C ASP B 49 19.30 -15.57 4.17
N ARG B 50 18.42 -14.66 3.76
CA ARG B 50 17.30 -14.98 2.89
C ARG B 50 17.78 -15.46 1.51
N ARG B 51 19.01 -15.12 1.15
CA ARG B 51 19.56 -15.60 -0.12
C ARG B 51 19.74 -17.12 -0.14
N LEU B 52 19.67 -17.76 1.04
CA LEU B 52 19.96 -19.18 1.21
C LEU B 52 18.61 -19.89 1.37
N ALA B 53 17.53 -19.14 1.32
CA ALA B 53 16.23 -19.74 1.56
C ALA B 53 15.99 -20.71 0.44
N PHE B 54 15.21 -21.77 0.70
CA PHE B 54 14.97 -22.76 -0.35
C PHE B 54 13.67 -23.43 -0.07
N ASP B 55 13.08 -24.03 -1.11
CA ASP B 55 11.88 -24.82 -0.97
C ASP B 55 12.31 -26.24 -0.70
N PRO B 56 11.97 -26.77 0.48
CA PRO B 56 12.40 -28.13 0.79
C PRO B 56 11.86 -29.22 -0.18
N VAL B 57 10.81 -28.96 -0.97
CA VAL B 57 10.24 -29.98 -1.85
C VAL B 57 10.83 -29.94 -3.29
N ARG B 58 11.09 -28.74 -3.79
CA ARG B 58 11.82 -28.62 -5.03
C ARG B 58 13.30 -29.04 -4.82
N SER B 59 13.89 -28.73 -3.68
CA SER B 59 15.33 -29.02 -3.49
C SER B 59 15.69 -30.47 -3.13
N GLY B 60 14.71 -31.19 -2.56
CA GLY B 60 14.94 -32.58 -2.15
C GLY B 60 15.85 -32.80 -0.96
N VAL B 61 16.01 -31.76 -0.13
CA VAL B 61 16.64 -31.86 1.17
C VAL B 61 15.87 -30.92 2.11
N ARG B 62 15.93 -31.16 3.40
CA ARG B 62 15.20 -30.31 4.35
C ARG B 62 16.09 -29.34 5.10
N VAL B 63 17.39 -29.63 5.11
CA VAL B 63 18.40 -28.79 5.73
C VAL B 63 19.57 -28.83 4.76
N LYS B 64 20.21 -27.71 4.49
CA LYS B 64 21.42 -27.69 3.66
C LYS B 64 22.64 -27.45 4.54
N THR B 65 23.74 -28.11 4.20
CA THR B 65 24.98 -27.98 4.92
C THR B 65 25.97 -27.15 4.10
N TYR B 66 26.69 -26.27 4.78
CA TYR B 66 27.66 -25.42 4.08
C TYR B 66 29.02 -25.47 4.73
N GLU B 67 29.99 -25.02 3.98
CA GLU B 67 31.33 -24.97 4.45
C GLU B 67 31.52 -23.47 4.70
N PRO B 68 32.26 -23.10 5.78
CA PRO B 68 32.42 -21.69 6.19
C PRO B 68 32.91 -20.75 5.10
N GLU B 69 33.70 -21.24 4.15
CA GLU B 69 34.15 -20.39 3.05
C GLU B 69 33.04 -20.02 2.06
N ALA B 70 32.00 -20.87 1.96
CA ALA B 70 30.95 -20.67 0.97
C ALA B 70 29.83 -19.68 1.37
N ILE B 71 29.78 -19.25 2.63
CA ILE B 71 28.76 -18.30 3.09
C ILE B 71 29.30 -17.24 4.04
N TRP B 72 28.56 -16.13 4.16
CA TRP B 72 28.92 -15.10 5.12
C TRP B 72 28.60 -15.59 6.53
N ILE B 73 29.55 -15.36 7.44
CA ILE B 73 29.40 -15.74 8.83
C ILE B 73 29.84 -14.56 9.64
N PRO B 74 29.05 -14.14 10.66
CA PRO B 74 29.51 -13.03 11.50
C PRO B 74 30.83 -13.34 12.15
N GLU B 75 31.70 -12.33 12.22
CA GLU B 75 32.97 -12.49 12.87
C GLU B 75 32.85 -12.09 14.35
N ILE B 76 33.01 -13.08 15.23
CA ILE B 76 32.82 -12.87 16.65
C ILE B 76 34.19 -12.73 17.27
N ARG B 77 34.37 -11.78 18.16
CA ARG B 77 35.64 -11.65 18.86
C ARG B 77 35.39 -11.72 20.33
N PHE B 78 36.08 -12.65 21.01
CA PHE B 78 36.03 -12.63 22.45
C PHE B 78 36.94 -11.51 22.93
N VAL B 79 36.50 -10.66 23.84
CA VAL B 79 37.33 -9.52 24.25
C VAL B 79 38.43 -9.90 25.23
N ASN B 80 38.05 -10.56 26.32
CA ASN B 80 38.97 -10.78 27.42
C ASN B 80 39.51 -12.21 27.31
N VAL B 81 40.25 -12.48 26.25
CA VAL B 81 40.99 -13.71 26.11
C VAL B 81 42.46 -13.43 25.83
N GLU B 82 43.33 -14.33 26.20
CA GLU B 82 44.74 -14.09 25.90
C GLU B 82 45.00 -13.97 24.37
N ASN B 83 44.59 -14.98 23.61
CA ASN B 83 44.66 -14.94 22.14
C ASN B 83 43.29 -15.20 21.55
N ALA B 84 43.04 -14.70 20.35
CA ALA B 84 41.87 -15.14 19.62
C ALA B 84 41.68 -16.63 19.92
N ARG B 85 40.42 -16.99 20.15
CA ARG B 85 40.10 -18.33 20.47
C ARG B 85 40.59 -19.24 19.35
N ASP B 86 40.82 -20.49 19.69
CA ASP B 86 41.16 -21.52 18.74
C ASP B 86 39.87 -22.28 18.48
N ALA B 87 39.36 -22.16 17.26
CA ALA B 87 38.07 -22.75 16.89
C ALA B 87 38.15 -23.78 15.77
N ASP B 88 37.32 -24.81 15.88
CA ASP B 88 37.00 -25.69 14.79
C ASP B 88 35.50 -25.72 14.53
N VAL B 89 35.08 -25.38 13.31
CA VAL B 89 33.68 -25.51 12.89
C VAL B 89 33.21 -26.95 12.98
N VAL B 90 32.03 -27.16 13.57
CA VAL B 90 31.45 -28.50 13.66
C VAL B 90 30.30 -28.62 12.66
N ASP B 91 29.46 -27.59 12.59
CA ASP B 91 28.24 -27.68 11.80
C ASP B 91 27.79 -26.33 11.35
N ILE B 92 27.47 -26.21 10.07
CA ILE B 92 26.75 -25.07 9.54
C ILE B 92 25.56 -25.63 8.82
N SER B 93 24.37 -25.32 9.27
CA SER B 93 23.24 -25.84 8.55
C SER B 93 22.13 -24.79 8.37
N VAL B 94 21.49 -24.81 7.21
CA VAL B 94 20.55 -23.78 6.85
C VAL B 94 19.15 -24.36 6.69
N SER B 95 18.17 -23.67 7.26
CA SER B 95 16.79 -24.08 7.18
C SER B 95 16.15 -23.55 5.89
N PRO B 96 14.95 -24.09 5.54
CA PRO B 96 14.22 -23.58 4.37
C PRO B 96 14.02 -22.08 4.37
N ASP B 97 13.74 -21.47 5.52
CA ASP B 97 13.54 -20.01 5.55
C ASP B 97 14.81 -19.19 5.51
N GLY B 98 15.97 -19.84 5.44
CA GLY B 98 17.24 -19.09 5.42
C GLY B 98 17.89 -18.89 6.77
N THR B 99 17.39 -19.54 7.83
CA THR B 99 18.03 -19.46 9.14
C THR B 99 19.30 -20.31 9.07
N VAL B 100 20.45 -19.68 9.33
CA VAL B 100 21.71 -20.40 9.43
C VAL B 100 21.93 -20.68 10.90
N GLN B 101 22.25 -21.91 11.22
CA GLN B 101 22.71 -22.35 12.52
C GLN B 101 24.16 -22.75 12.38
N TYR B 102 25.04 -22.08 13.09
CA TYR B 102 26.46 -22.36 13.03
C TYR B 102 26.88 -22.89 14.39
N LEU B 103 27.72 -23.92 14.44
CA LEU B 103 28.26 -24.46 15.68
C LEU B 103 29.77 -24.67 15.55
N GLU B 104 30.55 -24.12 16.48
CA GLU B 104 31.97 -24.39 16.54
C GLU B 104 32.31 -24.90 17.93
N ARG B 105 33.40 -25.65 18.08
CA ARG B 105 33.99 -26.03 19.38
C ARG B 105 35.25 -25.17 19.50
N PHE B 106 35.46 -24.51 20.64
CA PHE B 106 36.57 -23.60 20.74
C PHE B 106 37.30 -23.79 22.05
N SER B 107 38.48 -23.19 22.11
CA SER B 107 39.34 -23.23 23.24
C SER B 107 39.88 -21.79 23.44
N ALA B 108 40.01 -21.33 24.68
CA ALA B 108 40.56 -20.01 24.88
C ALA B 108 40.98 -19.89 26.31
N ARG B 109 41.95 -19.01 26.56
CA ARG B 109 42.31 -18.65 27.90
C ARG B 109 41.59 -17.38 28.20
N VAL B 110 40.64 -17.48 29.10
CA VAL B 110 39.83 -16.36 29.50
C VAL B 110 40.59 -15.59 30.56
N LEU B 111 40.65 -14.27 30.40
CA LEU B 111 41.18 -13.34 31.37
C LEU B 111 40.04 -12.77 32.21
N SER B 112 39.84 -13.35 33.37
CA SER B 112 38.79 -12.94 34.29
C SER B 112 39.28 -13.40 35.65
N PRO B 113 40.05 -12.54 36.35
CA PRO B 113 40.66 -12.87 37.65
C PRO B 113 39.68 -13.20 38.74
N LEU B 114 39.94 -14.28 39.48
CA LEU B 114 39.18 -14.59 40.68
C LEU B 114 39.56 -13.60 41.81
N ASP B 115 38.60 -13.21 42.61
CA ASP B 115 38.85 -12.36 43.77
C ASP B 115 39.73 -13.02 44.84
N THR B 119 36.69 -9.91 47.69
CA THR B 119 37.80 -10.70 48.29
C THR B 119 37.47 -11.30 49.64
N GLU B 120 36.37 -10.87 50.27
CA GLU B 120 35.90 -11.44 51.54
C GLU B 120 34.78 -12.44 51.28
N SER B 121 34.14 -12.30 50.12
CA SER B 121 32.98 -13.11 49.77
C SER B 121 33.40 -14.46 49.17
N ASP B 122 32.56 -15.48 49.40
CA ASP B 122 32.75 -16.84 48.92
C ASP B 122 32.18 -17.04 47.49
N SER B 123 31.62 -15.99 46.93
CA SER B 123 31.04 -16.05 45.62
C SER B 123 31.64 -15.03 44.68
N GLN B 124 31.51 -15.31 43.38
CA GLN B 124 32.02 -14.38 42.39
C GLN B 124 31.45 -14.63 41.02
N THR B 125 31.49 -13.61 40.20
CA THR B 125 31.04 -13.69 38.84
C THR B 125 32.26 -13.50 37.93
N LEU B 126 32.59 -14.51 37.15
CA LEU B 126 33.57 -14.39 36.08
C LEU B 126 32.85 -14.04 34.76
N HIS B 127 33.57 -13.51 33.78
CA HIS B 127 32.97 -12.95 32.58
C HIS B 127 33.70 -13.42 31.34
N ILE B 128 32.92 -13.66 30.29
CA ILE B 128 33.44 -13.82 28.95
C ILE B 128 32.69 -12.80 28.09
N TYR B 129 33.41 -11.81 27.56
CA TYR B 129 32.78 -10.79 26.76
C TYR B 129 32.92 -11.09 25.29
N LEU B 130 31.84 -10.93 24.54
CA LEU B 130 31.82 -11.11 23.08
C LEU B 130 31.40 -9.86 22.41
N ILE B 131 32.10 -9.54 21.33
CA ILE B 131 31.62 -8.56 20.37
C ILE B 131 31.59 -9.12 18.94
N VAL B 132 30.96 -8.39 18.03
CA VAL B 132 30.89 -8.80 16.62
C VAL B 132 31.44 -7.69 15.74
N ARG B 133 32.23 -8.03 14.71
CA ARG B 133 32.74 -7.00 13.81
C ARG B 133 31.60 -6.36 13.03
N SER B 134 31.72 -5.06 12.81
CA SER B 134 30.71 -4.30 12.10
C SER B 134 30.87 -4.54 10.62
N VAL B 135 29.77 -4.40 9.87
CA VAL B 135 29.80 -4.32 8.40
C VAL B 135 29.02 -3.07 7.99
N ASP B 136 29.21 -2.55 6.78
CA ASP B 136 28.54 -1.25 6.51
C ASP B 136 27.12 -1.37 5.95
N THR B 137 26.83 -2.50 5.32
CA THR B 137 25.51 -2.70 4.71
C THR B 137 24.42 -3.11 5.72
N ARG B 138 24.82 -3.53 6.93
CA ARG B 138 23.85 -3.87 7.99
C ARG B 138 24.31 -3.42 9.35
N ASN B 139 23.34 -3.16 10.19
CA ASN B 139 23.56 -3.11 11.62
C ASN B 139 23.48 -4.54 12.24
N ILE B 140 24.59 -5.04 12.78
CA ILE B 140 24.63 -6.35 13.39
C ILE B 140 24.42 -6.25 14.88
N VAL B 141 23.46 -7.03 15.38
CA VAL B 141 23.07 -7.00 16.76
C VAL B 141 23.13 -8.39 17.45
N LEU B 142 23.93 -8.51 18.50
CA LEU B 142 24.10 -9.74 19.20
C LEU B 142 22.94 -9.94 20.19
N ALA B 143 22.40 -11.14 20.22
CA ALA B 143 21.38 -11.49 21.17
C ALA B 143 21.83 -12.82 21.78
N VAL B 144 21.10 -13.28 22.78
CA VAL B 144 21.41 -14.49 23.50
C VAL B 144 20.29 -15.45 23.28
N ASP B 145 20.59 -16.66 22.83
CA ASP B 145 19.55 -17.71 22.77
C ASP B 145 19.74 -18.67 23.95
N LEU B 146 18.93 -18.49 25.00
CA LEU B 146 19.11 -19.20 26.28
C LEU B 146 19.02 -20.71 26.19
N GLU B 147 18.40 -21.20 25.12
CA GLU B 147 18.31 -22.66 24.94
C GLU B 147 19.63 -23.27 24.50
N LYS B 148 20.57 -22.42 24.08
CA LYS B 148 21.86 -22.82 23.57
C LYS B 148 22.97 -22.45 24.57
N VAL B 149 22.56 -21.97 25.74
CA VAL B 149 23.48 -21.59 26.78
C VAL B 149 23.39 -22.67 27.84
N GLY B 150 24.52 -23.24 28.20
CA GLY B 150 24.55 -24.17 29.30
C GLY B 150 25.96 -24.61 29.69
N LYS B 151 26.01 -25.67 30.47
CA LYS B 151 27.24 -26.21 30.97
C LYS B 151 27.10 -27.70 31.21
N ASN B 152 28.19 -28.41 30.98
CA ASN B 152 28.24 -29.84 31.19
C ASN B 152 27.99 -30.26 32.63
N ASP B 153 28.53 -29.52 33.60
CA ASP B 153 28.25 -29.81 35.01
C ASP B 153 28.32 -28.62 35.98
N ASP B 154 28.34 -28.94 37.26
CA ASP B 154 28.19 -27.99 38.35
C ASP B 154 29.55 -27.58 38.94
N VAL B 155 30.63 -28.14 38.41
CA VAL B 155 31.95 -27.88 38.96
C VAL B 155 32.67 -26.98 37.97
N PHE B 156 33.12 -25.80 38.43
CA PHE B 156 33.87 -24.88 37.60
C PHE B 156 35.22 -25.52 37.33
N LEU B 157 36.00 -25.65 38.36
CA LEU B 157 37.22 -26.39 38.28
C LEU B 157 37.54 -26.65 39.71
N THR B 158 38.70 -27.24 39.95
CA THR B 158 39.00 -27.84 41.25
C THR B 158 38.91 -26.80 42.34
N GLY B 159 37.97 -26.95 43.24
CA GLY B 159 37.80 -26.03 44.34
C GLY B 159 36.54 -25.15 44.27
N TRP B 160 35.87 -25.14 43.12
CA TRP B 160 34.83 -24.15 42.85
C TRP B 160 33.64 -24.78 42.14
N ASP B 161 32.45 -24.49 42.65
CA ASP B 161 31.23 -24.87 42.02
C ASP B 161 30.74 -23.80 41.05
N ILE B 162 29.98 -24.22 40.03
CA ILE B 162 29.21 -23.26 39.25
C ILE B 162 27.79 -23.14 39.76
N GLU B 163 27.40 -21.94 40.18
CA GLU B 163 26.04 -21.63 40.60
C GLU B 163 25.16 -21.42 39.38
N SER B 164 25.69 -20.70 38.37
CA SER B 164 24.93 -20.42 37.16
C SER B 164 25.79 -19.93 36.03
N PHE B 165 25.26 -20.07 34.83
CA PHE B 165 25.88 -19.59 33.64
C PHE B 165 24.79 -18.96 32.80
N THR B 166 24.82 -17.62 32.69
CA THR B 166 23.91 -16.89 31.83
C THR B 166 24.62 -15.81 31.04
N ALA B 167 23.85 -15.07 30.24
CA ALA B 167 24.39 -14.02 29.44
C ALA B 167 23.49 -12.79 29.51
N VAL B 168 24.10 -11.63 29.27
CA VAL B 168 23.40 -10.35 29.39
C VAL B 168 23.96 -9.42 28.28
N VAL B 169 23.19 -8.51 27.71
CA VAL B 169 23.75 -7.48 26.83
C VAL B 169 24.21 -6.26 27.65
N LYS B 170 25.31 -5.64 27.30
CA LYS B 170 25.76 -4.44 27.98
C LYS B 170 26.26 -3.54 26.87
N PRO B 171 26.47 -2.26 27.15
CA PRO B 171 27.11 -1.49 26.08
C PRO B 171 28.63 -1.67 26.04
N ALA B 172 29.20 -1.50 24.85
CA ALA B 172 30.64 -1.14 24.66
C ALA B 172 31.23 -0.16 25.72
N ASN B 173 32.41 -0.49 26.28
CA ASN B 173 33.14 0.54 27.05
C ASN B 173 34.09 1.30 26.10
N PHE B 174 33.63 2.52 25.75
CA PHE B 174 34.43 3.52 25.04
C PHE B 174 34.45 4.77 25.87
N SER B 182 27.87 -1.97 22.10
CA SER B 182 27.21 -3.24 22.50
C SER B 182 28.04 -4.57 22.51
N LYS B 183 27.63 -5.53 23.31
CA LYS B 183 28.46 -6.67 23.60
C LYS B 183 27.70 -7.65 24.49
N LEU B 184 28.11 -8.91 24.43
CA LEU B 184 27.46 -9.88 25.26
C LEU B 184 28.36 -10.17 26.44
N ASP B 185 27.79 -10.25 27.63
CA ASP B 185 28.55 -10.56 28.82
C ASP B 185 28.05 -11.92 29.35
N TYR B 186 28.81 -12.97 29.03
CA TYR B 186 28.55 -14.29 29.59
C TYR B 186 29.09 -14.39 30.98
N GLN B 187 28.17 -14.61 31.91
CA GLN B 187 28.48 -14.52 33.32
C GLN B 187 28.50 -15.91 33.93
N LEU B 188 29.62 -16.25 34.53
CA LEU B 188 29.74 -17.52 35.20
C LEU B 188 29.81 -17.26 36.70
N ARG B 189 28.77 -17.61 37.41
CA ARG B 189 28.79 -17.36 38.85
C ARG B 189 29.29 -18.59 39.56
N ILE B 190 30.28 -18.39 40.40
CA ILE B 190 30.94 -19.54 41.04
C ILE B 190 31.02 -19.37 42.55
N SER B 191 31.21 -20.45 43.28
CA SER B 191 31.48 -20.33 44.73
C SER B 191 32.37 -21.43 45.23
N ARG B 192 33.12 -21.11 46.28
CA ARG B 192 34.03 -22.07 46.91
C ARG B 192 33.30 -23.33 47.37
N GLN B 193 33.90 -24.49 47.13
CA GLN B 193 33.36 -25.76 47.62
C GLN B 193 33.49 -25.93 49.15
N VAL C 5 35.13 -37.04 -3.59
CA VAL C 5 35.36 -36.53 -2.22
C VAL C 5 34.14 -35.82 -1.65
N SER C 6 32.99 -36.00 -2.30
CA SER C 6 31.70 -35.80 -1.62
C SER C 6 31.32 -37.12 -0.91
N PRO C 7 30.36 -37.06 0.02
CA PRO C 7 29.87 -38.24 0.78
C PRO C 7 29.30 -39.35 -0.11
N PRO C 8 29.43 -40.63 0.29
CA PRO C 8 28.84 -41.66 -0.55
C PRO C 8 27.31 -41.52 -0.60
N PRO C 9 26.71 -41.81 -1.78
CA PRO C 9 25.24 -41.81 -1.89
C PRO C 9 24.67 -43.11 -1.31
N PRO C 10 23.40 -43.13 -0.92
CA PRO C 10 22.90 -44.39 -0.36
C PRO C 10 22.91 -45.65 -1.28
N ILE C 11 23.06 -46.82 -0.66
CA ILE C 11 22.75 -48.11 -1.31
C ILE C 11 21.23 -48.30 -1.10
N ALA C 12 20.48 -47.21 -1.26
CA ALA C 12 19.02 -47.12 -0.99
C ALA C 12 18.64 -45.92 -0.09
N ASP C 13 18.08 -46.21 1.07
CA ASP C 13 17.64 -45.17 2.01
C ASP C 13 18.37 -45.15 3.36
N GLU C 14 19.37 -46.03 3.52
CA GLU C 14 20.04 -46.27 4.81
C GLU C 14 20.87 -45.06 5.29
N PRO C 15 20.93 -44.82 6.60
CA PRO C 15 21.84 -43.72 7.00
C PRO C 15 23.28 -44.15 6.74
N LEU C 16 24.25 -43.24 6.82
CA LEU C 16 25.64 -43.62 6.73
C LEU C 16 26.17 -43.92 8.14
N THR C 17 26.30 -45.20 8.45
CA THR C 17 26.82 -45.67 9.72
C THR C 17 28.34 -45.67 9.66
N VAL C 18 28.95 -45.05 10.67
CA VAL C 18 30.38 -44.99 10.77
C VAL C 18 30.69 -45.69 12.08
N ASN C 19 31.25 -46.90 11.97
CA ASN C 19 31.74 -47.62 13.10
C ASN C 19 33.09 -47.17 13.52
N THR C 20 33.26 -46.96 14.81
CA THR C 20 34.48 -46.43 15.37
C THR C 20 35.01 -47.41 16.39
N GLY C 21 36.29 -47.30 16.65
CA GLY C 21 36.90 -48.00 17.76
C GLY C 21 38.09 -47.17 18.16
N ILE C 22 38.44 -47.26 19.43
CA ILE C 22 39.64 -46.60 19.93
C ILE C 22 40.41 -47.68 20.61
N TYR C 23 41.68 -47.87 20.20
CA TYR C 23 42.61 -48.75 20.91
C TYR C 23 43.71 -47.93 21.66
N LEU C 24 43.67 -47.91 22.98
CA LEU C 24 44.54 -47.02 23.73
C LEU C 24 45.97 -47.61 23.73
N ILE C 25 46.96 -46.81 23.40
CA ILE C 25 48.34 -47.31 23.42
C ILE C 25 48.99 -46.92 24.75
N GLU C 26 48.81 -45.64 25.12
CA GLU C 26 49.32 -45.11 26.37
C GLU C 26 48.54 -43.87 26.82
N CYS C 27 48.25 -43.78 28.12
CA CYS C 27 47.82 -42.56 28.74
C CYS C 27 48.92 -42.15 29.69
N TYR C 28 49.18 -40.85 29.77
CA TYR C 28 50.33 -40.35 30.48
C TYR C 28 50.20 -38.87 30.73
N SER C 29 51.10 -38.35 31.56
CA SER C 29 51.25 -36.90 31.78
C SER C 29 49.98 -36.27 32.34
N LEU C 30 49.38 -36.91 33.32
CA LEU C 30 48.35 -36.26 34.14
C LEU C 30 48.93 -34.94 34.67
N ASP C 31 48.23 -33.81 34.48
CA ASP C 31 48.69 -32.50 34.97
C ASP C 31 48.58 -32.36 36.49
N ASP C 32 49.18 -31.33 37.08
CA ASP C 32 49.20 -31.10 38.53
C ASP C 32 47.82 -30.99 39.17
N LYS C 33 46.80 -30.58 38.41
CA LYS C 33 45.48 -30.49 38.98
C LYS C 33 44.63 -31.69 38.70
N ALA C 34 45.23 -32.67 38.00
CA ALA C 34 44.53 -33.92 37.62
C ALA C 34 43.26 -33.56 36.81
N GLU C 35 43.42 -32.58 35.92
CA GLU C 35 42.27 -32.15 35.13
C GLU C 35 42.38 -32.72 33.74
N THR C 36 43.60 -32.88 33.27
CA THR C 36 43.82 -33.26 31.90
C THR C 36 45.00 -34.26 31.86
N PHE C 37 45.05 -35.05 30.80
CA PHE C 37 46.06 -36.08 30.64
C PHE C 37 46.22 -36.36 29.16
N LYS C 38 47.37 -36.83 28.74
CA LYS C 38 47.58 -37.19 27.33
C LYS C 38 47.21 -38.64 26.99
N VAL C 39 46.70 -38.81 25.78
CA VAL C 39 46.31 -40.13 25.33
C VAL C 39 46.96 -40.40 23.99
N ASN C 40 47.60 -41.54 23.87
CA ASN C 40 48.11 -41.96 22.61
C ASN C 40 47.28 -43.21 22.23
N ALA C 41 46.66 -43.17 21.05
CA ALA C 41 45.79 -44.29 20.63
C ALA C 41 45.65 -44.45 19.11
N PHE C 42 45.04 -45.59 18.73
CA PHE C 42 44.52 -45.75 17.38
C PHE C 42 43.05 -45.39 17.36
N LEU C 43 42.61 -44.77 16.26
CA LEU C 43 41.22 -44.56 15.96
C LEU C 43 40.91 -45.28 14.65
N SER C 44 39.83 -46.09 14.67
CA SER C 44 39.37 -46.90 13.53
C SER C 44 38.06 -46.35 13.15
N LEU C 45 37.87 -46.17 11.86
CA LEU C 45 36.58 -45.82 11.35
C LEU C 45 36.29 -46.75 10.24
N SER C 46 35.02 -47.12 10.14
CA SER C 46 34.60 -48.02 9.07
C SER C 46 33.25 -47.58 8.56
N TRP C 47 33.04 -47.58 7.24
CA TRP C 47 31.76 -47.15 6.64
C TRP C 47 31.79 -47.66 5.18
N LYS C 48 30.61 -47.66 4.54
CA LYS C 48 30.46 -48.18 3.22
C LYS C 48 30.46 -47.02 2.20
N ASP C 49 31.22 -47.18 1.12
CA ASP C 49 31.17 -46.26 -0.02
C ASP C 49 31.04 -47.10 -1.30
N ARG C 50 29.81 -47.29 -1.80
CA ARG C 50 29.61 -48.17 -2.94
C ARG C 50 30.40 -47.77 -4.17
N ARG C 51 30.78 -46.50 -4.30
CA ARG C 51 31.56 -46.03 -5.45
C ARG C 51 32.99 -46.60 -5.48
N LEU C 52 33.38 -47.24 -4.37
CA LEU C 52 34.64 -47.86 -4.28
C LEU C 52 34.53 -49.37 -4.30
N ALA C 53 33.35 -49.90 -4.50
CA ALA C 53 33.23 -51.33 -4.57
C ALA C 53 34.00 -51.78 -5.83
N PHE C 54 34.47 -53.03 -5.81
CA PHE C 54 35.17 -53.57 -6.98
C PHE C 54 35.06 -55.06 -6.99
N ASP C 55 35.28 -55.64 -8.17
CA ASP C 55 35.23 -57.07 -8.35
C ASP C 55 36.63 -57.58 -8.09
N PRO C 56 36.82 -58.34 -7.00
CA PRO C 56 38.16 -58.82 -6.70
C PRO C 56 38.67 -59.92 -7.65
N VAL C 57 37.72 -60.64 -8.22
CA VAL C 57 37.97 -61.75 -9.10
C VAL C 57 38.50 -61.21 -10.41
N ARG C 58 37.83 -60.23 -10.99
CA ARG C 58 38.34 -59.68 -12.23
C ARG C 58 39.56 -58.84 -12.03
N SER C 59 39.61 -58.09 -10.94
CA SER C 59 40.76 -57.21 -10.73
C SER C 59 41.96 -57.94 -10.14
N GLY C 60 41.75 -59.07 -9.47
CA GLY C 60 42.89 -59.82 -8.95
C GLY C 60 43.42 -59.35 -7.62
N VAL C 61 42.80 -58.30 -7.05
CA VAL C 61 43.07 -57.85 -5.66
C VAL C 61 41.90 -58.04 -4.68
N ARG C 62 42.21 -58.15 -3.41
CA ARG C 62 41.19 -58.40 -2.42
C ARG C 62 41.05 -57.18 -1.55
N VAL C 63 41.94 -56.21 -1.70
CA VAL C 63 41.90 -54.96 -0.94
C VAL C 63 42.52 -53.83 -1.75
N LYS C 64 41.94 -52.64 -1.74
CA LYS C 64 42.57 -51.51 -2.37
C LYS C 64 42.96 -50.49 -1.31
N THR C 65 44.10 -49.85 -1.52
CA THR C 65 44.61 -48.86 -0.59
C THR C 65 44.40 -47.48 -1.19
N TYR C 66 44.03 -46.53 -0.34
CA TYR C 66 43.81 -45.18 -0.78
C TYR C 66 44.53 -44.21 0.12
N GLU C 67 44.65 -42.99 -0.39
CA GLU C 67 45.32 -41.92 0.28
C GLU C 67 44.18 -40.96 0.69
N PRO C 68 44.28 -40.36 1.90
CA PRO C 68 43.15 -39.64 2.46
C PRO C 68 42.58 -38.59 1.56
N GLU C 69 43.42 -38.03 0.68
CA GLU C 69 42.97 -36.99 -0.23
C GLU C 69 42.11 -37.55 -1.33
N ALA C 70 42.25 -38.84 -1.62
CA ALA C 70 41.59 -39.41 -2.82
C ALA C 70 40.14 -39.84 -2.56
N ILE C 71 39.76 -39.94 -1.29
CA ILE C 71 38.42 -40.40 -0.94
C ILE C 71 37.71 -39.54 0.12
N TRP C 72 36.38 -39.70 0.22
CA TRP C 72 35.67 -39.04 1.28
C TRP C 72 35.91 -39.78 2.57
N ILE C 73 36.11 -39.04 3.65
CA ILE C 73 36.38 -39.58 4.98
C ILE C 73 35.58 -38.77 6.01
N PRO C 74 34.88 -39.44 6.93
CA PRO C 74 34.10 -38.66 7.86
C PRO C 74 34.99 -37.83 8.75
N GLU C 75 34.52 -36.65 9.09
CA GLU C 75 35.30 -35.73 9.90
C GLU C 75 34.89 -35.88 11.35
N ILE C 76 35.73 -36.53 12.12
CA ILE C 76 35.50 -36.78 13.52
C ILE C 76 36.16 -35.68 14.31
N ARG C 77 35.44 -35.17 15.32
CA ARG C 77 36.00 -34.17 16.24
C ARG C 77 35.87 -34.70 17.65
N PHE C 78 36.98 -34.77 18.38
CA PHE C 78 36.92 -35.07 19.78
C PHE C 78 36.42 -33.79 20.51
N VAL C 79 35.41 -33.92 21.36
CA VAL C 79 34.86 -32.71 22.00
C VAL C 79 35.75 -32.16 23.12
N ASN C 80 36.10 -33.02 24.09
CA ASN C 80 36.76 -32.54 25.31
C ASN C 80 38.27 -32.81 25.21
N VAL C 81 38.89 -32.17 24.23
CA VAL C 81 40.32 -32.19 24.12
C VAL C 81 40.81 -30.77 24.10
N GLU C 82 42.07 -30.56 24.49
CA GLU C 82 42.58 -29.20 24.48
C GLU C 82 42.68 -28.56 23.09
N ASN C 83 43.29 -29.29 22.16
CA ASN C 83 43.33 -28.89 20.76
C ASN C 83 42.87 -30.08 19.92
N ALA C 84 42.35 -29.81 18.72
CA ALA C 84 42.13 -30.88 17.77
C ALA C 84 43.26 -31.90 17.90
N ARG C 85 42.91 -33.18 17.83
CA ARG C 85 43.88 -34.21 18.03
C ARG C 85 44.95 -34.11 16.98
N ASP C 86 46.13 -34.61 17.32
CA ASP C 86 47.22 -34.69 16.38
C ASP C 86 47.20 -36.12 15.81
N ALA C 87 46.91 -36.24 14.52
CA ALA C 87 46.72 -37.55 13.85
C ALA C 87 47.60 -37.80 12.65
N ASP C 88 48.08 -39.03 12.55
CA ASP C 88 48.71 -39.53 11.38
C ASP C 88 47.94 -40.74 10.85
N VAL C 89 47.45 -40.64 9.62
CA VAL C 89 46.85 -41.80 8.96
C VAL C 89 47.82 -42.96 8.84
N VAL C 90 47.41 -44.17 9.23
CA VAL C 90 48.25 -45.34 9.13
C VAL C 90 47.77 -46.18 7.95
N ASP C 91 46.45 -46.38 7.82
CA ASP C 91 45.91 -47.31 6.79
C ASP C 91 44.51 -46.87 6.35
N ILE C 92 44.29 -46.80 5.04
CA ILE C 92 42.97 -46.73 4.48
C ILE C 92 42.83 -47.88 3.50
N SER C 93 41.95 -48.83 3.79
CA SER C 93 41.85 -49.92 2.87
C SER C 93 40.37 -50.36 2.60
N VAL C 94 40.05 -50.65 1.35
CA VAL C 94 38.68 -50.83 0.92
C VAL C 94 38.50 -52.23 0.51
N SER C 95 37.45 -52.86 1.03
CA SER C 95 37.01 -54.22 0.62
C SER C 95 36.20 -54.21 -0.64
N PRO C 96 35.99 -55.41 -1.27
CA PRO C 96 35.29 -55.50 -2.56
C PRO C 96 33.90 -54.92 -2.49
N ASP C 97 33.22 -55.06 -1.37
CA ASP C 97 31.86 -54.49 -1.23
C ASP C 97 31.81 -52.98 -0.94
N GLY C 98 32.96 -52.31 -0.89
CA GLY C 98 32.98 -50.87 -0.68
C GLY C 98 33.14 -50.46 0.79
N THR C 99 33.38 -51.42 1.68
CA THR C 99 33.62 -51.11 3.08
C THR C 99 35.01 -50.48 3.20
N VAL C 100 35.07 -49.25 3.70
CA VAL C 100 36.32 -48.57 3.93
C VAL C 100 36.73 -48.79 5.40
N GLN C 101 37.99 -49.19 5.61
CA GLN C 101 38.54 -49.33 6.95
C GLN C 101 39.62 -48.30 7.07
N TYR C 102 39.41 -47.32 7.94
CA TYR C 102 40.39 -46.24 8.12
C TYR C 102 41.07 -46.39 9.48
N LEU C 103 42.40 -46.28 9.53
CA LEU C 103 43.15 -46.35 10.80
C LEU C 103 44.05 -45.12 10.94
N GLU C 104 43.99 -44.43 12.09
CA GLU C 104 44.92 -43.35 12.36
C GLU C 104 45.53 -43.58 13.72
N ARG C 105 46.74 -43.06 13.95
CA ARG C 105 47.33 -43.02 15.31
C ARG C 105 47.21 -41.56 15.75
N PHE C 106 46.72 -41.31 16.96
CA PHE C 106 46.54 -39.94 17.34
C PHE C 106 47.10 -39.69 18.72
N SER C 107 47.22 -38.40 19.02
CA SER C 107 47.62 -37.91 20.31
C SER C 107 46.68 -36.76 20.67
N ALA C 108 46.31 -36.63 21.94
CA ALA C 108 45.48 -35.51 22.33
C ALA C 108 45.58 -35.34 23.85
N ARG C 109 45.36 -34.14 24.32
CA ARG C 109 45.25 -33.92 25.75
C ARG C 109 43.75 -33.90 26.02
N VAL C 110 43.29 -34.89 26.78
CA VAL C 110 41.90 -35.09 27.06
C VAL C 110 41.58 -34.29 28.30
N LEU C 111 40.45 -33.58 28.24
CA LEU C 111 40.01 -32.80 29.34
C LEU C 111 38.91 -33.61 29.96
N SER C 112 39.27 -34.27 31.06
CA SER C 112 38.33 -35.10 31.79
C SER C 112 38.92 -35.23 33.22
N PRO C 113 38.54 -34.30 34.13
CA PRO C 113 39.13 -34.22 35.46
C PRO C 113 38.93 -35.44 36.33
N LEU C 114 39.96 -35.84 37.07
CA LEU C 114 39.82 -36.76 38.19
C LEU C 114 39.21 -36.00 39.35
N ASP C 115 38.15 -36.56 39.91
CA ASP C 115 37.44 -35.97 41.03
C ASP C 115 38.38 -35.23 41.97
N SER C 121 35.06 -42.34 44.71
CA SER C 121 36.25 -41.52 44.38
C SER C 121 37.60 -42.28 44.51
N ASP C 122 37.50 -43.56 44.83
CA ASP C 122 38.58 -44.51 44.59
C ASP C 122 38.28 -45.17 43.25
N SER C 123 37.06 -44.92 42.74
CA SER C 123 36.56 -45.42 41.49
C SER C 123 35.92 -44.28 40.64
N GLN C 124 36.37 -44.13 39.39
CA GLN C 124 35.80 -43.08 38.53
C GLN C 124 35.84 -43.30 37.01
N THR C 125 35.04 -42.51 36.31
CA THR C 125 34.84 -42.72 34.93
C THR C 125 35.32 -41.47 34.23
N LEU C 126 36.34 -41.63 33.40
CA LEU C 126 36.78 -40.54 32.51
C LEU C 126 36.14 -40.72 31.13
N HIS C 127 36.02 -39.64 30.37
CA HIS C 127 35.29 -39.64 29.10
C HIS C 127 36.12 -39.07 27.96
N ILE C 128 35.93 -39.64 26.77
CA ILE C 128 36.38 -39.01 25.56
C ILE C 128 35.16 -38.95 24.70
N TYR C 129 34.72 -37.74 24.38
CA TYR C 129 33.52 -37.56 23.56
C TYR C 129 33.88 -37.32 22.12
N LEU C 130 33.19 -38.04 21.23
CA LEU C 130 33.37 -37.92 19.79
C LEU C 130 32.08 -37.50 19.12
N ILE C 131 32.18 -36.54 18.22
CA ILE C 131 31.09 -36.25 17.31
C ILE C 131 31.64 -36.31 15.90
N VAL C 132 30.77 -36.22 14.91
CA VAL C 132 31.12 -36.21 13.50
C VAL C 132 30.43 -34.99 12.87
N ARG C 133 31.11 -34.36 11.92
CA ARG C 133 30.52 -33.24 11.19
C ARG C 133 29.41 -33.71 10.24
N SER C 134 28.36 -32.90 10.19
CA SER C 134 27.24 -33.14 9.30
C SER C 134 27.58 -32.89 7.83
N VAL C 135 26.87 -33.62 6.97
CA VAL C 135 26.85 -33.39 5.54
C VAL C 135 25.36 -33.32 5.09
N ASP C 136 25.05 -32.64 4.00
CA ASP C 136 23.60 -32.48 3.72
C ASP C 136 22.99 -33.61 2.90
N THR C 137 23.82 -34.32 2.15
CA THR C 137 23.28 -35.44 1.31
C THR C 137 23.04 -36.73 2.11
N ARG C 138 23.65 -36.84 3.29
CA ARG C 138 23.46 -38.03 4.16
C ARG C 138 23.26 -37.69 5.62
N ASN C 139 22.50 -38.53 6.29
CA ASN C 139 22.53 -38.53 7.72
C ASN C 139 23.67 -39.43 8.26
N ILE C 140 24.65 -38.84 8.93
CA ILE C 140 25.76 -39.62 9.41
C ILE C 140 25.51 -40.06 10.86
N VAL C 141 25.67 -41.36 11.10
CA VAL C 141 25.44 -41.93 12.40
C VAL C 141 26.65 -42.71 12.98
N LEU C 142 27.07 -42.34 14.18
CA LEU C 142 28.26 -42.94 14.77
C LEU C 142 27.85 -44.21 15.51
N ALA C 143 28.56 -45.29 15.28
CA ALA C 143 28.37 -46.52 16.02
C ALA C 143 29.71 -46.96 16.55
N VAL C 144 29.66 -47.98 17.38
CA VAL C 144 30.82 -48.50 18.08
C VAL C 144 31.06 -49.93 17.61
N ASP C 145 32.26 -50.21 17.17
CA ASP C 145 32.66 -51.59 16.89
C ASP C 145 33.53 -52.12 18.04
N LEU C 146 32.90 -52.86 18.97
CA LEU C 146 33.57 -53.27 20.18
C LEU C 146 34.79 -54.18 19.98
N GLU C 147 34.89 -54.80 18.81
CA GLU C 147 36.09 -55.54 18.47
C GLU C 147 37.30 -54.67 18.24
N LYS C 148 37.09 -53.37 18.00
CA LYS C 148 38.16 -52.43 17.67
C LYS C 148 38.36 -51.47 18.83
N VAL C 149 37.76 -51.81 19.95
CA VAL C 149 37.85 -51.01 21.17
C VAL C 149 38.70 -51.81 22.14
N GLY C 150 39.83 -51.24 22.55
CA GLY C 150 40.65 -51.92 23.53
C GLY C 150 41.73 -51.07 24.13
N LYS C 151 42.63 -51.72 24.84
CA LYS C 151 43.69 -51.01 25.54
C LYS C 151 44.87 -51.95 25.63
N ASN C 152 46.06 -51.36 25.56
CA ASN C 152 47.31 -52.09 25.67
C ASN C 152 47.48 -52.77 27.00
N ASP C 153 47.13 -52.11 28.11
CA ASP C 153 47.16 -52.79 29.40
C ASP C 153 46.18 -52.29 30.45
N ASP C 154 46.40 -52.70 31.69
CA ASP C 154 45.47 -52.49 32.78
C ASP C 154 45.80 -51.25 33.62
N VAL C 155 46.91 -50.58 33.31
CA VAL C 155 47.33 -49.44 34.07
C VAL C 155 46.91 -48.21 33.31
N PHE C 156 46.14 -47.33 33.97
CA PHE C 156 45.77 -46.04 33.36
C PHE C 156 47.03 -45.17 33.22
N LEU C 157 47.59 -44.80 34.34
CA LEU C 157 48.86 -44.12 34.42
C LEU C 157 49.22 -44.26 35.86
N THR C 158 50.32 -43.66 36.26
CA THR C 158 50.94 -43.91 37.55
C THR C 158 49.94 -43.66 38.65
N GLY C 159 49.62 -44.69 39.43
CA GLY C 159 48.68 -44.56 40.52
C GLY C 159 47.30 -45.12 40.30
N TRP C 160 46.96 -45.48 39.06
CA TRP C 160 45.59 -45.80 38.69
C TRP C 160 45.49 -46.97 37.74
N ASP C 161 44.62 -47.91 38.08
CA ASP C 161 44.34 -49.04 37.17
C ASP C 161 43.17 -48.71 36.22
N ILE C 162 43.15 -49.35 35.06
CA ILE C 162 41.95 -49.34 34.26
C ILE C 162 41.13 -50.58 34.52
N GLU C 163 39.87 -50.36 34.89
CA GLU C 163 38.90 -51.41 35.14
C GLU C 163 38.29 -51.82 33.80
N SER C 164 37.82 -50.87 33.01
CA SER C 164 37.30 -51.14 31.69
C SER C 164 37.39 -49.93 30.78
N PHE C 165 37.39 -50.18 29.47
CA PHE C 165 37.27 -49.18 28.42
C PHE C 165 36.19 -49.60 27.44
N THR C 166 35.09 -48.87 27.43
CA THR C 166 33.99 -49.12 26.49
C THR C 166 33.48 -47.82 25.95
N ALA C 167 32.50 -47.92 25.06
CA ALA C 167 31.88 -46.77 24.46
C ALA C 167 30.37 -46.92 24.50
N VAL C 168 29.73 -45.77 24.57
CA VAL C 168 28.32 -45.69 24.72
C VAL C 168 27.77 -44.85 23.61
N VAL C 169 26.82 -45.46 22.92
CA VAL C 169 26.24 -44.98 21.69
C VAL C 169 24.97 -44.23 21.99
N LYS C 170 24.62 -43.30 21.10
CA LYS C 170 23.47 -42.37 21.29
C LYS C 170 23.36 -41.83 22.71
N PRO C 171 24.45 -41.27 23.25
CA PRO C 171 24.45 -40.82 24.65
C PRO C 171 23.49 -39.67 24.80
N ALA C 172 22.95 -39.56 26.02
CA ALA C 172 21.90 -38.63 26.41
C ALA C 172 22.55 -37.40 27.04
N ASN C 173 23.88 -37.47 27.21
CA ASN C 173 24.72 -36.27 27.44
C ASN C 173 24.44 -35.15 26.42
N PHE C 174 23.88 -35.55 25.27
CA PHE C 174 23.75 -34.70 24.08
C PHE C 174 23.51 -33.23 24.52
N ALA C 175 24.45 -32.37 24.12
CA ALA C 175 24.43 -30.95 24.48
C ALA C 175 23.45 -30.17 23.57
N LEU C 176 23.73 -30.20 22.26
CA LEU C 176 23.02 -29.43 21.25
C LEU C 176 22.50 -30.35 20.14
N GLU C 177 21.24 -30.13 19.72
CA GLU C 177 20.50 -30.97 18.73
C GLU C 177 20.94 -30.78 17.26
N ASP C 178 22.04 -30.06 17.06
CA ASP C 178 22.68 -29.96 15.73
C ASP C 178 24.08 -30.59 15.64
N ARG C 179 24.73 -30.83 16.80
CA ARG C 179 25.99 -31.63 16.94
C ARG C 179 25.47 -33.00 17.16
N LEU C 180 24.21 -33.13 16.75
CA LEU C 180 23.43 -34.34 16.82
C LEU C 180 23.31 -34.74 15.36
N GLU C 181 24.39 -34.46 14.59
CA GLU C 181 24.74 -35.44 13.56
C GLU C 181 24.87 -36.72 14.40
N SER C 182 25.85 -36.86 15.31
CA SER C 182 25.96 -38.10 16.15
C SER C 182 26.99 -37.97 17.32
N LYS C 183 26.82 -38.53 18.58
CA LYS C 183 27.89 -38.44 19.67
C LYS C 183 28.28 -39.78 20.35
N LEU C 184 29.55 -40.06 20.55
CA LEU C 184 29.96 -41.26 21.23
C LEU C 184 30.58 -40.86 22.54
N ASP C 185 30.42 -41.66 23.56
CA ASP C 185 31.04 -41.37 24.83
C ASP C 185 31.89 -42.59 25.15
N TYR C 186 33.19 -42.47 24.92
CA TYR C 186 34.12 -43.50 25.28
C TYR C 186 34.41 -43.32 26.76
N GLN C 187 34.25 -44.38 27.52
CA GLN C 187 34.29 -44.32 28.97
C GLN C 187 35.44 -45.14 29.47
N LEU C 188 36.35 -44.49 30.16
CA LEU C 188 37.43 -45.17 30.79
C LEU C 188 37.16 -45.22 32.30
N ARG C 189 36.85 -46.39 32.80
CA ARG C 189 36.66 -46.55 34.24
C ARG C 189 37.94 -46.99 34.94
N ILE C 190 38.34 -46.24 35.97
CA ILE C 190 39.67 -46.37 36.61
C ILE C 190 39.49 -46.45 38.11
N SER C 191 40.45 -47.06 38.79
CA SER C 191 40.51 -47.04 40.24
C SER C 191 41.91 -46.88 40.77
N ARG C 192 42.02 -46.29 41.96
CA ARG C 192 43.31 -46.15 42.69
C ARG C 192 43.98 -47.50 42.95
N GLN C 193 45.28 -47.57 42.67
CA GLN C 193 46.05 -48.77 42.94
C GLN C 193 46.19 -49.00 44.44
N MET D 4 -29.88 45.10 -41.40
CA MET D 4 -31.08 45.22 -40.51
C MET D 4 -31.16 44.25 -39.25
N VAL D 5 -30.19 43.31 -39.17
CA VAL D 5 -29.61 42.83 -37.92
C VAL D 5 -28.36 43.71 -37.65
N SER D 6 -28.32 44.87 -38.28
CA SER D 6 -27.48 45.95 -37.82
C SER D 6 -28.28 46.84 -36.85
N PRO D 7 -27.59 47.69 -36.08
CA PRO D 7 -28.17 48.52 -35.05
C PRO D 7 -29.18 49.57 -35.59
N PRO D 8 -30.18 49.92 -34.80
CA PRO D 8 -31.18 50.86 -35.32
C PRO D 8 -30.61 52.28 -35.53
N PRO D 9 -30.98 52.95 -36.62
CA PRO D 9 -30.43 54.29 -36.92
C PRO D 9 -31.07 55.38 -35.97
N PRO D 10 -30.36 56.49 -35.59
CA PRO D 10 -31.00 57.51 -34.71
C PRO D 10 -31.81 58.64 -35.42
N ILE D 11 -32.50 59.49 -34.65
CA ILE D 11 -33.16 60.72 -35.19
C ILE D 11 -32.09 61.80 -35.27
N ALA D 12 -31.44 61.95 -34.15
CA ALA D 12 -30.01 62.13 -34.07
C ALA D 12 -29.74 63.47 -33.45
N ASP D 13 -28.57 63.57 -32.81
CA ASP D 13 -27.63 62.47 -32.81
C ASP D 13 -27.68 61.64 -31.46
N GLU D 14 -28.89 61.29 -30.98
CA GLU D 14 -29.06 60.68 -29.62
C GLU D 14 -28.55 59.23 -29.50
N PRO D 15 -28.04 58.87 -28.32
CA PRO D 15 -27.55 57.54 -28.15
C PRO D 15 -28.69 56.55 -28.02
N LEU D 16 -28.48 55.30 -28.44
CA LEU D 16 -29.43 54.22 -28.22
C LEU D 16 -29.42 53.89 -26.73
N THR D 17 -30.49 54.26 -26.05
CA THR D 17 -30.70 53.87 -24.68
C THR D 17 -31.29 52.46 -24.64
N VAL D 18 -30.66 51.61 -23.83
CA VAL D 18 -31.14 50.30 -23.59
C VAL D 18 -31.52 50.23 -22.12
N ASN D 19 -32.83 50.09 -21.86
CA ASN D 19 -33.32 49.91 -20.52
C ASN D 19 -33.23 48.45 -20.09
N THR D 20 -32.78 48.23 -18.86
CA THR D 20 -32.53 46.91 -18.37
C THR D 20 -33.26 46.75 -17.04
N GLY D 21 -33.60 45.51 -16.74
CA GLY D 21 -34.23 45.18 -15.47
C GLY D 21 -33.73 43.78 -15.18
N ILE D 22 -33.57 43.43 -13.92
CA ILE D 22 -33.24 42.07 -13.53
C ILE D 22 -34.24 41.75 -12.45
N TYR D 23 -34.96 40.66 -12.64
CA TYR D 23 -35.87 40.17 -11.61
C TYR D 23 -35.33 38.84 -11.04
N LEU D 24 -34.84 38.85 -9.82
CA LEU D 24 -34.24 37.67 -9.21
C LEU D 24 -35.30 36.62 -8.90
N ILE D 25 -35.10 35.41 -9.38
CA ILE D 25 -36.01 34.35 -9.09
C ILE D 25 -35.49 33.60 -7.85
N GLU D 26 -34.22 33.22 -7.87
CA GLU D 26 -33.61 32.56 -6.75
C GLU D 26 -32.10 32.77 -6.77
N CYS D 27 -31.52 32.95 -5.58
CA CYS D 27 -30.08 32.89 -5.40
C CYS D 27 -29.81 31.66 -4.51
N TYR D 28 -28.68 30.96 -4.73
CA TYR D 28 -28.47 29.72 -4.05
C TYR D 28 -27.03 29.27 -4.25
N SER D 29 -26.65 28.23 -3.49
CA SER D 29 -25.39 27.53 -3.76
C SER D 29 -24.17 28.47 -3.58
N LEU D 30 -24.20 29.25 -2.51
CA LEU D 30 -23.02 29.92 -1.97
C LEU D 30 -21.89 28.90 -1.78
N ASP D 31 -20.69 29.17 -2.31
CA ASP D 31 -19.63 28.18 -2.21
C ASP D 31 -19.01 28.18 -0.82
N ASP D 32 -18.14 27.22 -0.54
CA ASP D 32 -17.52 27.08 0.76
C ASP D 32 -16.78 28.32 1.23
N LYS D 33 -16.27 29.15 0.33
CA LYS D 33 -15.50 30.31 0.79
C LYS D 33 -16.34 31.56 0.80
N ALA D 34 -17.60 31.41 0.40
CA ALA D 34 -18.53 32.54 0.25
C ALA D 34 -17.99 33.59 -0.73
N GLU D 35 -17.48 33.12 -1.85
CA GLU D 35 -16.90 33.99 -2.86
C GLU D 35 -17.89 34.12 -3.97
N THR D 36 -18.63 33.03 -4.25
CA THR D 36 -19.48 32.99 -5.38
C THR D 36 -20.82 32.34 -5.04
N PHE D 37 -21.83 32.62 -5.85
CA PHE D 37 -23.12 32.06 -5.62
C PHE D 37 -23.83 32.07 -6.97
N LYS D 38 -24.83 31.19 -7.14
CA LYS D 38 -25.61 31.11 -8.34
C LYS D 38 -26.81 32.00 -8.29
N VAL D 39 -27.18 32.54 -9.44
CA VAL D 39 -28.36 33.38 -9.57
C VAL D 39 -29.23 32.86 -10.69
N ASN D 40 -30.52 32.75 -10.41
CA ASN D 40 -31.48 32.49 -11.45
C ASN D 40 -32.37 33.72 -11.56
N ALA D 41 -32.58 34.23 -12.76
CA ALA D 41 -33.28 35.54 -12.88
C ALA D 41 -33.84 35.81 -14.26
N PHE D 42 -34.72 36.79 -14.38
CA PHE D 42 -35.05 37.33 -15.70
C PHE D 42 -34.18 38.55 -15.96
N LEU D 43 -33.80 38.73 -17.22
CA LEU D 43 -33.24 39.97 -17.70
C LEU D 43 -34.15 40.56 -18.76
N SER D 44 -34.55 41.80 -18.57
CA SER D 44 -35.33 42.56 -19.51
C SER D 44 -34.45 43.58 -20.19
N LEU D 45 -34.64 43.74 -21.48
CA LEU D 45 -34.01 44.79 -22.20
C LEU D 45 -35.06 45.46 -23.04
N SER D 46 -34.95 46.79 -23.17
CA SER D 46 -35.91 47.58 -23.89
C SER D 46 -35.19 48.69 -24.64
N TRP D 47 -35.51 48.93 -25.90
CA TRP D 47 -34.86 49.97 -26.70
C TRP D 47 -35.80 50.24 -27.87
N LYS D 48 -35.62 51.37 -28.54
CA LYS D 48 -36.38 51.72 -29.74
C LYS D 48 -35.72 51.31 -31.04
N ASP D 49 -36.50 50.74 -31.93
CA ASP D 49 -36.03 50.44 -33.27
C ASP D 49 -37.19 50.88 -34.19
N ARG D 50 -37.07 52.09 -34.70
CA ARG D 50 -38.05 52.68 -35.59
C ARG D 50 -38.31 51.92 -36.87
N ARG D 51 -37.38 51.10 -37.35
CA ARG D 51 -37.62 50.32 -38.56
C ARG D 51 -38.72 49.31 -38.33
N LEU D 52 -39.07 49.06 -37.06
CA LEU D 52 -39.97 47.96 -36.69
C LEU D 52 -41.32 48.59 -36.38
N ALA D 53 -41.37 49.90 -36.47
CA ALA D 53 -42.59 50.57 -36.11
C ALA D 53 -43.70 50.16 -37.09
N PHE D 54 -44.91 50.09 -36.61
CA PHE D 54 -46.01 49.59 -37.41
C PHE D 54 -47.34 50.20 -36.98
N ASP D 55 -48.26 50.24 -37.93
CA ASP D 55 -49.56 50.82 -37.70
C ASP D 55 -50.46 49.69 -37.23
N PRO D 56 -50.92 49.76 -35.98
CA PRO D 56 -51.59 48.61 -35.43
C PRO D 56 -53.01 48.38 -36.04
N VAL D 57 -53.60 49.37 -36.72
CA VAL D 57 -54.82 49.04 -37.41
C VAL D 57 -54.51 48.02 -38.53
N ARG D 58 -53.84 48.56 -39.55
CA ARG D 58 -53.58 47.82 -40.75
C ARG D 58 -52.93 46.50 -40.45
N SER D 59 -51.93 46.48 -39.57
CA SER D 59 -51.22 45.23 -39.36
C SER D 59 -52.08 44.11 -38.80
N GLY D 60 -53.19 44.46 -38.13
CA GLY D 60 -54.14 43.46 -37.61
C GLY D 60 -53.60 42.73 -36.41
N VAL D 61 -52.71 43.42 -35.68
CA VAL D 61 -52.05 42.97 -34.46
C VAL D 61 -51.65 44.21 -33.63
N ARG D 62 -51.42 44.04 -32.34
CA ARG D 62 -51.16 45.18 -31.44
C ARG D 62 -49.72 45.18 -30.96
N VAL D 63 -49.11 44.01 -31.08
CA VAL D 63 -47.78 43.73 -30.70
C VAL D 63 -47.20 42.69 -31.71
N LYS D 64 -46.00 42.88 -32.19
CA LYS D 64 -45.39 41.85 -33.01
C LYS D 64 -44.35 41.09 -32.26
N THR D 65 -44.23 39.81 -32.60
CA THR D 65 -43.29 38.92 -31.93
C THR D 65 -42.16 38.58 -32.89
N TYR D 66 -40.93 38.54 -32.39
CA TYR D 66 -39.81 38.24 -33.25
C TYR D 66 -38.93 37.19 -32.61
N GLU D 67 -38.12 36.58 -33.44
CA GLU D 67 -37.21 35.56 -33.02
C GLU D 67 -35.86 36.26 -33.01
N PRO D 68 -34.98 35.92 -32.03
CA PRO D 68 -33.78 36.72 -31.82
C PRO D 68 -32.95 36.87 -33.09
N GLU D 69 -33.04 35.91 -33.97
CA GLU D 69 -32.18 35.94 -35.15
C GLU D 69 -32.67 36.99 -36.13
N ALA D 70 -33.95 37.34 -36.05
CA ALA D 70 -34.60 38.18 -37.05
C ALA D 70 -34.42 39.68 -36.80
N ILE D 71 -33.87 40.07 -35.63
CA ILE D 71 -33.68 41.49 -35.31
C ILE D 71 -32.37 41.79 -34.58
N TRP D 72 -31.97 43.06 -34.59
CA TRP D 72 -30.83 43.48 -33.80
C TRP D 72 -31.16 43.55 -32.33
N ILE D 73 -30.28 42.98 -31.49
CA ILE D 73 -30.44 42.92 -30.06
C ILE D 73 -29.11 43.34 -29.42
N PRO D 74 -29.15 44.25 -28.44
CA PRO D 74 -27.89 44.55 -27.77
C PRO D 74 -27.22 43.29 -27.14
N GLU D 75 -25.90 43.23 -27.22
CA GLU D 75 -25.15 42.17 -26.61
C GLU D 75 -24.69 42.58 -25.22
N ILE D 76 -25.25 41.93 -24.22
CA ILE D 76 -25.01 42.31 -22.83
C ILE D 76 -24.03 41.30 -22.29
N ARG D 77 -23.06 41.77 -21.53
CA ARG D 77 -22.11 40.85 -20.91
C ARG D 77 -22.14 41.17 -19.44
N PHE D 78 -22.39 40.15 -18.62
CA PHE D 78 -22.09 40.24 -17.20
C PHE D 78 -20.55 40.19 -16.96
N VAL D 79 -20.03 41.15 -16.21
CA VAL D 79 -18.61 41.21 -15.98
C VAL D 79 -18.15 40.21 -14.94
N ASN D 80 -18.78 40.21 -13.76
CA ASN D 80 -18.23 39.38 -12.67
C ASN D 80 -18.98 38.05 -12.49
N VAL D 81 -18.92 37.24 -13.52
CA VAL D 81 -19.55 35.94 -13.50
C VAL D 81 -18.48 34.94 -13.89
N GLU D 82 -18.58 33.73 -13.36
CA GLU D 82 -17.65 32.72 -13.80
C GLU D 82 -17.61 32.48 -15.33
N ASN D 83 -18.75 32.13 -15.91
CA ASN D 83 -18.84 31.98 -17.37
C ASN D 83 -19.95 32.86 -17.90
N ALA D 84 -19.90 33.21 -19.18
CA ALA D 84 -21.01 33.87 -19.83
C ALA D 84 -22.31 33.24 -19.24
N ARG D 85 -23.28 34.06 -18.91
CA ARG D 85 -24.52 33.54 -18.40
C ARG D 85 -25.09 32.50 -19.37
N ASP D 86 -25.91 31.62 -18.81
CA ASP D 86 -26.65 30.67 -19.59
C ASP D 86 -28.07 31.23 -19.71
N ALA D 87 -28.46 31.64 -20.93
CA ALA D 87 -29.72 32.34 -21.19
C ALA D 87 -30.64 31.60 -22.16
N ASP D 88 -31.94 31.66 -21.89
CA ASP D 88 -33.00 31.28 -22.80
C ASP D 88 -33.94 32.44 -23.02
N VAL D 89 -34.10 32.85 -24.27
CA VAL D 89 -35.06 33.91 -24.62
C VAL D 89 -36.49 33.48 -24.30
N VAL D 90 -37.20 34.31 -23.58
CA VAL D 90 -38.58 34.02 -23.28
C VAL D 90 -39.51 34.75 -24.25
N ASP D 91 -39.27 36.03 -24.48
CA ASP D 91 -40.21 36.87 -25.25
C ASP D 91 -39.45 38.02 -25.91
N ILE D 92 -39.67 38.21 -27.20
CA ILE D 92 -39.30 39.45 -27.87
C ILE D 92 -40.52 40.01 -28.51
N SER D 93 -41.00 41.14 -28.04
CA SER D 93 -42.17 41.71 -28.61
C SER D 93 -41.98 43.23 -28.92
N VAL D 94 -42.60 43.69 -29.98
CA VAL D 94 -42.36 45.05 -30.45
C VAL D 94 -43.69 45.78 -30.44
N SER D 95 -43.68 47.01 -29.94
CA SER D 95 -44.87 47.86 -29.93
C SER D 95 -44.96 48.59 -31.23
N PRO D 96 -46.13 49.22 -31.52
CA PRO D 96 -46.33 50.01 -32.75
C PRO D 96 -45.35 51.11 -32.95
N ASP D 97 -44.90 51.75 -31.86
CA ASP D 97 -43.85 52.79 -31.99
C ASP D 97 -42.44 52.26 -32.18
N GLY D 98 -42.26 50.94 -32.17
CA GLY D 98 -40.94 50.37 -32.44
C GLY D 98 -40.20 50.02 -31.17
N THR D 99 -40.84 50.13 -30.02
CA THR D 99 -40.18 49.77 -28.77
C THR D 99 -40.04 48.26 -28.68
N VAL D 100 -38.81 47.77 -28.60
CA VAL D 100 -38.62 46.36 -28.44
C VAL D 100 -38.52 46.07 -26.96
N GLN D 101 -39.28 45.07 -26.51
CA GLN D 101 -39.18 44.49 -25.20
C GLN D 101 -38.60 43.09 -25.31
N TYR D 102 -37.43 42.90 -24.73
CA TYR D 102 -36.75 41.62 -24.77
C TYR D 102 -36.70 40.99 -23.38
N LEU D 103 -37.00 39.68 -23.29
CA LEU D 103 -37.02 39.00 -21.99
C LEU D 103 -36.33 37.67 -22.10
N GLU D 104 -35.33 37.43 -21.25
CA GLU D 104 -34.70 36.14 -21.14
C GLU D 104 -34.68 35.68 -19.68
N ARG D 105 -34.60 34.35 -19.48
CA ARG D 105 -34.33 33.76 -18.17
C ARG D 105 -32.84 33.40 -18.21
N PHE D 106 -32.08 33.68 -17.16
CA PHE D 106 -30.71 33.30 -17.20
C PHE D 106 -30.27 32.65 -15.92
N SER D 107 -29.14 32.00 -16.01
CA SER D 107 -28.49 31.44 -14.85
C SER D 107 -27.04 31.86 -14.89
N ALA D 108 -26.44 32.14 -13.76
CA ALA D 108 -25.00 32.50 -13.78
C ALA D 108 -24.39 32.26 -12.41
N ARG D 109 -23.08 32.01 -12.35
CA ARG D 109 -22.38 32.05 -11.07
C ARG D 109 -21.73 33.40 -10.87
N VAL D 110 -22.25 34.17 -9.92
CA VAL D 110 -21.82 35.54 -9.71
C VAL D 110 -20.62 35.52 -8.77
N LEU D 111 -19.60 36.31 -9.12
CA LEU D 111 -18.39 36.40 -8.36
C LEU D 111 -18.47 37.69 -7.58
N SER D 112 -18.93 37.58 -6.34
CA SER D 112 -19.11 38.76 -5.52
C SER D 112 -18.99 38.33 -4.06
N PRO D 113 -17.75 38.23 -3.55
CA PRO D 113 -17.44 37.64 -2.24
C PRO D 113 -18.16 38.32 -1.07
N LEU D 114 -18.72 37.52 -0.17
CA LEU D 114 -19.24 38.04 1.09
C LEU D 114 -18.10 38.36 2.05
N ASP D 115 -18.17 39.51 2.68
CA ASP D 115 -17.06 40.05 3.48
C ASP D 115 -16.79 39.21 4.71
N SER D 123 -24.48 44.33 7.39
CA SER D 123 -25.06 44.87 6.18
C SER D 123 -24.02 45.09 5.12
N GLN D 124 -24.24 44.46 3.96
CA GLN D 124 -23.28 44.55 2.90
C GLN D 124 -23.92 44.44 1.53
N THR D 125 -23.12 44.73 0.52
CA THR D 125 -23.57 44.95 -0.81
C THR D 125 -22.83 44.04 -1.78
N LEU D 126 -23.59 43.15 -2.40
CA LEU D 126 -23.04 42.30 -3.47
C LEU D 126 -23.39 42.99 -4.80
N HIS D 127 -22.61 42.69 -5.83
CA HIS D 127 -22.77 43.37 -7.10
C HIS D 127 -22.90 42.40 -8.24
N ILE D 128 -23.71 42.77 -9.23
CA ILE D 128 -23.64 42.17 -10.54
C ILE D 128 -23.41 43.28 -11.53
N TYR D 129 -22.29 43.24 -12.22
CA TYR D 129 -21.95 44.30 -13.17
C TYR D 129 -22.33 43.93 -14.57
N LEU D 130 -22.92 44.88 -15.29
CA LEU D 130 -23.34 44.67 -16.68
C LEU D 130 -22.73 45.70 -17.58
N ILE D 131 -22.22 45.23 -18.70
CA ILE D 131 -21.84 46.14 -19.78
C ILE D 131 -22.49 45.69 -21.07
N VAL D 132 -22.47 46.54 -22.09
CA VAL D 132 -22.99 46.22 -23.40
C VAL D 132 -21.87 46.39 -24.42
N ARG D 133 -21.87 45.59 -25.47
CA ARG D 133 -20.87 45.69 -26.53
C ARG D 133 -21.12 46.90 -27.40
N SER D 134 -20.04 47.55 -27.80
CA SER D 134 -20.11 48.73 -28.65
C SER D 134 -20.45 48.37 -30.08
N VAL D 135 -21.12 49.28 -30.77
CA VAL D 135 -21.26 49.22 -32.23
C VAL D 135 -20.76 50.55 -32.81
N ASP D 136 -20.40 50.62 -34.07
CA ASP D 136 -19.83 51.92 -34.53
C ASP D 136 -20.83 52.95 -35.10
N THR D 137 -22.00 52.47 -35.54
CA THR D 137 -23.02 53.39 -36.04
C THR D 137 -23.85 54.07 -34.94
N ARG D 138 -23.77 53.58 -33.70
CA ARG D 138 -24.48 54.17 -32.54
C ARG D 138 -23.66 54.15 -31.27
N ASN D 139 -23.84 55.18 -30.48
CA ASN D 139 -23.46 55.12 -29.10
C ASN D 139 -24.58 54.39 -28.30
N ILE D 140 -24.24 53.26 -27.67
CA ILE D 140 -25.19 52.55 -26.83
C ILE D 140 -25.07 52.93 -25.35
N VAL D 141 -26.17 53.31 -24.73
CA VAL D 141 -26.14 53.67 -23.32
C VAL D 141 -27.13 52.79 -22.50
N LEU D 142 -26.62 52.13 -21.47
CA LEU D 142 -27.41 51.34 -20.56
C LEU D 142 -28.13 52.19 -19.52
N ALA D 143 -29.41 51.97 -19.33
CA ALA D 143 -30.15 52.61 -18.26
C ALA D 143 -30.84 51.52 -17.47
N VAL D 144 -31.44 51.91 -16.36
CA VAL D 144 -32.18 51.03 -15.50
C VAL D 144 -33.65 51.38 -15.55
N ASP D 145 -34.49 50.39 -15.80
CA ASP D 145 -35.94 50.57 -15.62
C ASP D 145 -36.35 49.93 -14.28
N LEU D 146 -36.55 50.76 -13.26
CA LEU D 146 -36.81 50.27 -11.90
C LEU D 146 -38.09 49.47 -11.75
N GLU D 147 -39.04 49.67 -12.65
CA GLU D 147 -40.25 48.85 -12.64
C GLU D 147 -39.98 47.40 -13.01
N LYS D 148 -38.85 47.14 -13.67
CA LYS D 148 -38.48 45.81 -14.13
C LYS D 148 -37.34 45.28 -13.28
N VAL D 149 -37.06 45.95 -12.17
CA VAL D 149 -36.09 45.48 -11.21
C VAL D 149 -36.81 44.98 -9.96
N GLY D 150 -36.58 43.73 -9.61
CA GLY D 150 -37.20 43.18 -8.41
C GLY D 150 -36.66 41.86 -7.96
N LYS D 151 -37.32 41.26 -7.00
CA LYS D 151 -36.92 39.98 -6.44
C LYS D 151 -38.16 39.26 -5.99
N ASN D 152 -38.17 37.95 -6.19
CA ASN D 152 -39.21 37.11 -5.72
C ASN D 152 -39.46 37.17 -4.20
N ASP D 153 -38.42 37.26 -3.36
CA ASP D 153 -38.65 37.43 -1.92
C ASP D 153 -37.53 38.14 -1.17
N ASP D 154 -37.55 38.04 0.14
CA ASP D 154 -36.69 38.79 1.01
C ASP D 154 -35.47 38.01 1.47
N VAL D 155 -35.35 36.74 1.07
CA VAL D 155 -34.29 35.90 1.57
C VAL D 155 -33.28 35.81 0.47
N PHE D 156 -32.03 36.14 0.77
CA PHE D 156 -30.98 36.00 -0.23
C PHE D 156 -30.74 34.52 -0.51
N LEU D 157 -30.20 33.86 0.48
CA LEU D 157 -30.08 32.43 0.51
C LEU D 157 -29.89 32.10 1.98
N THR D 158 -29.63 30.84 2.25
CA THR D 158 -29.72 30.33 3.63
C THR D 158 -28.80 31.20 4.50
N GLY D 159 -29.40 31.85 5.50
CA GLY D 159 -28.63 32.65 6.44
C GLY D 159 -28.70 34.17 6.25
N TRP D 160 -29.21 34.63 5.10
CA TRP D 160 -29.08 36.03 4.74
C TRP D 160 -30.37 36.62 4.19
N ASP D 161 -30.72 37.81 4.66
CA ASP D 161 -31.88 38.50 4.14
C ASP D 161 -31.50 39.50 3.07
N ILE D 162 -32.42 39.75 2.13
CA ILE D 162 -32.25 40.82 1.21
C ILE D 162 -32.87 42.12 1.73
N GLU D 163 -32.05 43.15 1.91
CA GLU D 163 -32.55 44.46 2.33
C GLU D 163 -33.08 45.23 1.12
N SER D 164 -32.30 45.28 0.05
CA SER D 164 -32.76 45.87 -1.19
C SER D 164 -32.02 45.35 -2.43
N PHE D 165 -32.63 45.59 -3.59
CA PHE D 165 -32.01 45.26 -4.85
C PHE D 165 -32.35 46.42 -5.71
N THR D 166 -31.32 47.16 -6.12
CA THR D 166 -31.49 48.24 -7.10
C THR D 166 -30.31 48.20 -8.03
N ALA D 167 -30.24 49.23 -8.87
CA ALA D 167 -29.20 49.37 -9.83
C ALA D 167 -28.82 50.83 -10.03
N VAL D 168 -27.57 51.01 -10.42
CA VAL D 168 -26.92 52.28 -10.44
C VAL D 168 -26.09 52.35 -11.72
N VAL D 169 -26.19 53.46 -12.47
CA VAL D 169 -25.29 53.65 -13.62
C VAL D 169 -23.89 53.99 -13.10
N LYS D 170 -22.84 53.29 -13.57
CA LYS D 170 -21.46 53.52 -13.08
C LYS D 170 -20.52 54.02 -14.16
N LEU D 180 -21.61 53.22 -26.62
CA LEU D 180 -21.07 52.04 -27.21
C LEU D 180 -20.73 51.10 -26.08
N GLU D 181 -20.19 51.65 -25.03
CA GLU D 181 -19.96 50.85 -23.88
C GLU D 181 -20.54 51.67 -22.75
N SER D 182 -20.84 51.02 -21.64
CA SER D 182 -21.72 51.60 -20.62
C SER D 182 -21.64 50.57 -19.47
N LYS D 183 -21.58 50.95 -18.15
CA LYS D 183 -21.76 49.92 -17.09
C LYS D 183 -22.89 50.11 -16.05
N LEU D 184 -23.61 49.04 -15.75
CA LEU D 184 -24.59 49.06 -14.69
C LEU D 184 -24.10 48.25 -13.49
N ASP D 185 -24.41 48.74 -12.32
CA ASP D 185 -24.04 48.07 -11.11
C ASP D 185 -25.36 47.71 -10.45
N TYR D 186 -25.73 46.44 -10.52
CA TYR D 186 -26.85 45.91 -9.79
C TYR D 186 -26.40 45.58 -8.39
N GLN D 187 -27.02 46.18 -7.40
CA GLN D 187 -26.55 46.08 -6.04
C GLN D 187 -27.54 45.33 -5.23
N LEU D 188 -27.08 44.24 -4.63
CA LEU D 188 -27.90 43.47 -3.73
C LEU D 188 -27.45 43.74 -2.32
N ARG D 189 -28.24 44.46 -1.55
CA ARG D 189 -27.88 44.67 -0.15
C ARG D 189 -28.47 43.62 0.78
N ILE D 190 -27.60 42.94 1.52
CA ILE D 190 -28.01 41.80 2.34
C ILE D 190 -27.66 41.99 3.82
N SER D 191 -28.29 41.23 4.72
CA SER D 191 -27.79 41.16 6.09
C SER D 191 -28.06 39.82 6.73
N ARG D 192 -27.22 39.45 7.71
CA ARG D 192 -27.34 38.19 8.45
C ARG D 192 -28.70 38.08 9.13
N GLN D 193 -29.31 36.91 9.06
CA GLN D 193 -30.58 36.64 9.76
C GLN D 193 -30.43 36.59 11.29
N MET E 4 -46.30 24.08 -41.45
CA MET E 4 -47.03 23.27 -40.40
C MET E 4 -46.51 23.52 -38.96
N VAL E 5 -45.38 24.20 -38.88
CA VAL E 5 -44.73 24.41 -37.61
C VAL E 5 -44.85 25.86 -37.18
N SER E 6 -45.81 26.60 -37.74
CA SER E 6 -46.30 27.80 -37.08
C SER E 6 -47.50 27.42 -36.17
N PRO E 7 -47.87 28.31 -35.23
CA PRO E 7 -48.98 28.09 -34.30
C PRO E 7 -50.33 27.84 -34.97
N PRO E 8 -51.20 27.04 -34.36
CA PRO E 8 -52.47 26.85 -35.01
C PRO E 8 -53.23 28.18 -35.08
N PRO E 9 -53.92 28.40 -36.24
CA PRO E 9 -54.72 29.60 -36.42
C PRO E 9 -55.94 29.59 -35.55
N PRO E 10 -56.12 30.73 -34.86
CA PRO E 10 -57.27 30.98 -34.06
C PRO E 10 -58.44 30.96 -35.02
N ILE E 11 -59.64 30.63 -34.53
CA ILE E 11 -60.86 30.91 -35.32
C ILE E 11 -61.04 32.44 -35.56
N ALA E 12 -60.80 33.24 -34.52
CA ALA E 12 -60.83 34.72 -34.57
C ALA E 12 -59.59 35.29 -33.86
N ASP E 13 -59.71 35.46 -32.55
CA ASP E 13 -58.67 36.12 -31.75
C ASP E 13 -58.48 35.49 -30.35
N GLU E 14 -58.95 34.23 -30.23
CA GLU E 14 -58.87 33.50 -28.95
C GLU E 14 -57.51 33.08 -28.58
N PRO E 15 -57.29 33.02 -27.26
CA PRO E 15 -56.04 32.42 -26.91
C PRO E 15 -56.12 30.93 -27.16
N LEU E 16 -54.95 30.38 -27.36
CA LEU E 16 -54.77 28.96 -27.45
C LEU E 16 -54.57 28.47 -26.03
N THR E 17 -55.54 27.76 -25.50
CA THR E 17 -55.38 27.18 -24.21
C THR E 17 -54.54 25.93 -24.36
N VAL E 18 -53.45 25.89 -23.57
CA VAL E 18 -52.62 24.74 -23.41
C VAL E 18 -52.87 24.19 -22.01
N ASN E 19 -53.51 23.02 -21.94
CA ASN E 19 -53.68 22.28 -20.69
C ASN E 19 -52.45 21.46 -20.28
N THR E 20 -52.04 21.57 -19.03
CA THR E 20 -50.80 20.98 -18.59
C THR E 20 -51.06 20.13 -17.37
N GLY E 21 -50.21 19.16 -17.17
CA GLY E 21 -50.25 18.29 -15.99
C GLY E 21 -48.83 17.85 -15.75
N ILE E 22 -48.51 17.59 -14.50
CA ILE E 22 -47.22 17.06 -14.13
C ILE E 22 -47.56 15.89 -13.24
N TYR E 23 -46.98 14.74 -13.56
CA TYR E 23 -47.12 13.59 -12.73
C TYR E 23 -45.76 13.26 -12.17
N LEU E 24 -45.58 13.38 -10.87
CA LEU E 24 -44.27 13.20 -10.26
C LEU E 24 -43.93 11.70 -10.15
N ILE E 25 -42.76 11.36 -10.63
CA ILE E 25 -42.31 9.99 -10.51
C ILE E 25 -41.45 9.84 -9.27
N GLU E 26 -40.45 10.72 -9.15
CA GLU E 26 -39.59 10.70 -7.99
C GLU E 26 -38.99 12.09 -7.70
N CYS E 27 -38.93 12.44 -6.43
CA CYS E 27 -38.11 13.56 -5.99
C CYS E 27 -36.92 13.01 -5.19
N TYR E 28 -35.77 13.64 -5.34
CA TYR E 28 -34.59 13.11 -4.74
C TYR E 28 -33.47 14.14 -4.72
N SER E 29 -32.43 13.84 -3.94
CA SER E 29 -31.21 14.56 -4.00
C SER E 29 -31.39 16.03 -3.57
N LEU E 30 -32.08 16.24 -2.45
CA LEU E 30 -32.07 17.49 -1.74
C LEU E 30 -30.61 17.85 -1.42
N ASP E 31 -30.19 19.07 -1.72
CA ASP E 31 -28.78 19.46 -1.51
C ASP E 31 -28.50 19.81 -0.06
N ASP E 32 -27.24 19.94 0.30
CA ASP E 32 -26.87 20.15 1.70
C ASP E 32 -27.52 21.38 2.30
N LYS E 33 -27.85 22.37 1.50
CA LYS E 33 -28.53 23.52 2.08
C LYS E 33 -30.05 23.49 1.99
N ALA E 34 -30.60 22.38 1.46
CA ALA E 34 -32.05 22.23 1.27
C ALA E 34 -32.56 23.41 0.43
N GLU E 35 -31.78 23.81 -0.53
CA GLU E 35 -32.25 24.87 -1.44
C GLU E 35 -32.87 24.30 -2.70
N THR E 36 -32.33 23.19 -3.18
CA THR E 36 -32.70 22.60 -4.44
C THR E 36 -32.83 21.07 -4.30
N PHE E 37 -33.56 20.45 -5.22
CA PHE E 37 -33.75 19.02 -5.23
C PHE E 37 -34.08 18.65 -6.64
N LYS E 38 -33.96 17.35 -6.97
CA LYS E 38 -34.25 16.91 -8.33
C LYS E 38 -35.64 16.35 -8.39
N VAL E 39 -36.22 16.48 -9.59
CA VAL E 39 -37.54 15.97 -9.86
C VAL E 39 -37.53 15.17 -11.15
N ASN E 40 -38.12 14.00 -11.08
CA ASN E 40 -38.35 13.19 -12.26
C ASN E 40 -39.87 13.06 -12.43
N ALA E 41 -40.39 13.34 -13.62
CA ALA E 41 -41.83 13.45 -13.78
C ALA E 41 -42.26 13.38 -15.23
N PHE E 42 -43.57 13.23 -15.42
CA PHE E 42 -44.15 13.42 -16.76
C PHE E 42 -44.76 14.83 -16.85
N LEU E 43 -44.58 15.46 -17.98
CA LEU E 43 -45.29 16.66 -18.32
C LEU E 43 -46.22 16.29 -19.47
N SER E 44 -47.52 16.58 -19.28
CA SER E 44 -48.57 16.53 -20.31
C SER E 44 -48.97 17.89 -20.80
N LEU E 45 -49.15 17.99 -22.10
CA LEU E 45 -49.63 19.19 -22.67
C LEU E 45 -50.69 18.80 -23.65
N SER E 46 -51.77 19.59 -23.62
CA SER E 46 -52.89 19.38 -24.51
C SER E 46 -53.35 20.74 -25.09
N TRP E 47 -53.59 20.81 -26.40
CA TRP E 47 -54.16 22.01 -27.06
C TRP E 47 -54.79 21.55 -28.37
N LYS E 48 -55.59 22.43 -28.99
CA LYS E 48 -56.28 22.12 -30.21
C LYS E 48 -55.49 22.69 -31.40
N ASP E 49 -55.31 21.88 -32.45
CA ASP E 49 -54.74 22.35 -33.74
C ASP E 49 -55.62 21.81 -34.89
N ARG E 50 -56.48 22.67 -35.39
CA ARG E 50 -57.57 22.23 -36.29
C ARG E 50 -56.99 21.80 -37.63
N ARG E 51 -55.74 22.16 -37.88
CA ARG E 51 -55.09 21.73 -39.12
C ARG E 51 -54.75 20.25 -39.07
N LEU E 52 -54.89 19.63 -37.89
CA LEU E 52 -54.57 18.24 -37.70
C LEU E 52 -55.84 17.42 -37.51
N ALA E 53 -56.99 18.08 -37.56
CA ALA E 53 -58.22 17.39 -37.47
C ALA E 53 -58.34 16.42 -38.63
N PHE E 54 -59.02 15.30 -38.41
CA PHE E 54 -59.18 14.31 -39.48
C PHE E 54 -60.51 13.59 -39.27
N ASP E 55 -61.01 12.97 -40.35
CA ASP E 55 -62.17 12.09 -40.29
C ASP E 55 -61.74 10.65 -39.99
N PRO E 56 -62.10 10.13 -38.81
CA PRO E 56 -61.57 8.80 -38.45
C PRO E 56 -62.23 7.70 -39.27
N VAL E 57 -63.42 8.03 -39.81
CA VAL E 57 -64.20 7.17 -40.71
C VAL E 57 -63.76 7.04 -42.18
N ARG E 58 -63.63 8.17 -42.87
CA ARG E 58 -63.01 8.16 -44.17
C ARG E 58 -61.58 7.68 -44.00
N SER E 59 -60.89 8.14 -42.96
CA SER E 59 -59.45 7.86 -42.91
C SER E 59 -59.14 6.51 -42.34
N GLY E 60 -60.08 5.95 -41.59
CA GLY E 60 -59.89 4.58 -41.05
C GLY E 60 -59.07 4.47 -39.78
N VAL E 61 -58.59 5.60 -39.27
CA VAL E 61 -57.83 5.56 -38.00
C VAL E 61 -58.50 6.45 -36.96
N ARG E 62 -58.28 6.15 -35.68
CA ARG E 62 -58.89 6.99 -34.64
C ARG E 62 -57.94 7.91 -33.82
N VAL E 63 -56.61 7.75 -34.01
CA VAL E 63 -55.56 8.55 -33.37
C VAL E 63 -54.40 8.57 -34.34
N LYS E 64 -53.76 9.72 -34.50
CA LYS E 64 -52.57 9.83 -35.30
C LYS E 64 -51.40 10.19 -34.41
N THR E 65 -50.25 9.67 -34.76
CA THR E 65 -49.07 9.93 -33.99
C THR E 65 -48.11 10.83 -34.77
N TYR E 66 -47.41 11.71 -34.08
CA TYR E 66 -46.53 12.60 -34.76
C TYR E 66 -45.22 12.63 -34.04
N GLU E 67 -44.20 13.07 -34.75
CA GLU E 67 -42.88 13.33 -34.21
C GLU E 67 -42.84 14.85 -33.96
N PRO E 68 -42.22 15.26 -32.84
CA PRO E 68 -42.16 16.67 -32.46
C PRO E 68 -41.71 17.63 -33.56
N GLU E 69 -40.81 17.20 -34.43
CA GLU E 69 -40.39 18.08 -35.54
C GLU E 69 -41.49 18.35 -36.59
N ALA E 70 -42.50 17.49 -36.63
CA ALA E 70 -43.47 17.58 -37.69
C ALA E 70 -44.62 18.50 -37.38
N ILE E 71 -44.82 18.85 -36.12
CA ILE E 71 -45.92 19.75 -35.70
C ILE E 71 -45.50 20.87 -34.77
N TRP E 72 -46.32 21.91 -34.68
CA TRP E 72 -46.12 22.95 -33.71
C TRP E 72 -46.42 22.43 -32.32
N ILE E 73 -45.53 22.79 -31.38
CA ILE E 73 -45.63 22.43 -29.96
C ILE E 73 -45.31 23.63 -29.09
N PRO E 74 -46.19 23.94 -28.14
CA PRO E 74 -45.84 25.09 -27.28
C PRO E 74 -44.50 24.91 -26.64
N GLU E 75 -43.83 26.03 -26.45
CA GLU E 75 -42.56 25.99 -25.76
C GLU E 75 -42.74 26.35 -24.32
N ILE E 76 -42.58 25.34 -23.45
CA ILE E 76 -42.79 25.50 -22.01
C ILE E 76 -41.46 25.74 -21.36
N ARG E 77 -41.40 26.73 -20.48
CA ARG E 77 -40.17 26.99 -19.73
C ARG E 77 -40.46 26.87 -18.24
N PHE E 78 -39.71 26.04 -17.53
CA PHE E 78 -39.77 26.05 -16.07
C PHE E 78 -38.95 27.23 -15.59
N VAL E 79 -39.52 28.07 -14.75
CA VAL E 79 -38.81 29.28 -14.30
C VAL E 79 -37.74 28.99 -13.27
N ASN E 80 -38.10 28.29 -12.20
CA ASN E 80 -37.18 28.07 -11.08
C ASN E 80 -36.52 26.70 -11.14
N VAL E 81 -35.74 26.50 -12.18
CA VAL E 81 -34.89 25.32 -12.29
C VAL E 81 -33.44 25.75 -12.57
N GLU E 82 -32.48 24.97 -12.13
CA GLU E 82 -31.10 25.31 -12.40
C GLU E 82 -30.86 25.43 -13.94
N ASN E 83 -31.14 24.38 -14.70
CA ASN E 83 -30.97 24.41 -16.15
C ASN E 83 -32.31 24.08 -16.80
N ALA E 84 -32.51 24.49 -18.05
CA ALA E 84 -33.64 23.97 -18.82
C ALA E 84 -33.80 22.49 -18.52
N ARG E 85 -35.04 22.05 -18.31
CA ARG E 85 -35.24 20.64 -17.98
C ARG E 85 -34.63 19.79 -19.04
N ASP E 86 -34.32 18.56 -18.68
CA ASP E 86 -33.84 17.59 -19.62
C ASP E 86 -35.03 16.69 -19.93
N ALA E 87 -35.49 16.75 -21.17
CA ALA E 87 -36.74 16.09 -21.56
C ALA E 87 -36.60 15.11 -22.72
N ASP E 88 -37.35 14.01 -22.64
CA ASP E 88 -37.54 13.07 -23.74
C ASP E 88 -39.03 12.91 -24.02
N VAL E 89 -39.43 13.28 -25.24
CA VAL E 89 -40.78 13.03 -25.73
C VAL E 89 -41.14 11.57 -25.65
N VAL E 90 -42.29 11.27 -25.06
CA VAL E 90 -42.75 9.89 -25.01
C VAL E 90 -43.77 9.72 -26.13
N ASP E 91 -44.79 10.59 -26.15
CA ASP E 91 -45.98 10.38 -27.00
C ASP E 91 -46.58 11.69 -27.45
N ILE E 92 -46.83 11.82 -28.75
CA ILE E 92 -47.62 12.92 -29.29
C ILE E 92 -48.70 12.30 -30.10
N SER E 93 -49.93 12.40 -29.64
CA SER E 93 -51.02 11.83 -30.37
C SER E 93 -52.22 12.79 -30.60
N VAL E 94 -52.84 12.73 -31.75
CA VAL E 94 -53.85 13.69 -32.14
C VAL E 94 -55.19 13.00 -32.30
N SER E 95 -56.23 13.58 -31.74
CA SER E 95 -57.60 13.09 -31.89
C SER E 95 -58.26 13.64 -33.16
N PRO E 96 -59.37 13.02 -33.62
CA PRO E 96 -60.05 13.46 -34.82
C PRO E 96 -60.41 14.94 -34.82
N ASP E 97 -60.81 15.50 -33.69
CA ASP E 97 -61.11 16.90 -33.65
C ASP E 97 -59.88 17.85 -33.61
N GLY E 98 -58.67 17.33 -33.67
CA GLY E 98 -57.48 18.18 -33.68
C GLY E 98 -56.84 18.40 -32.31
N THR E 99 -57.38 17.77 -31.26
CA THR E 99 -56.78 17.87 -29.91
C THR E 99 -55.47 17.07 -29.91
N VAL E 100 -54.36 17.77 -29.68
CA VAL E 100 -53.06 17.16 -29.52
C VAL E 100 -52.85 16.80 -28.04
N GLN E 101 -52.37 15.59 -27.78
CA GLN E 101 -51.92 15.18 -26.45
C GLN E 101 -50.43 14.90 -26.53
N TYR E 102 -49.62 15.69 -25.82
CA TYR E 102 -48.19 15.57 -25.83
C TYR E 102 -47.74 15.04 -24.46
N LEU E 103 -46.88 14.02 -24.44
CA LEU E 103 -46.30 13.52 -23.20
C LEU E 103 -44.77 13.46 -23.22
N GLU E 104 -44.13 14.01 -22.19
CA GLU E 104 -42.66 13.92 -22.08
C GLU E 104 -42.28 13.43 -20.69
N ARG E 105 -41.12 12.80 -20.56
CA ARG E 105 -40.57 12.50 -19.24
C ARG E 105 -39.44 13.47 -19.07
N PHE E 106 -39.40 14.19 -17.97
CA PHE E 106 -38.32 15.17 -17.78
C PHE E 106 -37.60 14.98 -16.47
N SER E 107 -36.48 15.66 -16.37
CA SER E 107 -35.70 15.73 -15.16
C SER E 107 -35.31 17.19 -15.01
N ALA E 108 -35.24 17.67 -13.77
CA ALA E 108 -34.84 19.05 -13.52
C ALA E 108 -34.40 19.17 -12.09
N ARG E 109 -33.52 20.13 -11.81
CA ARG E 109 -33.20 20.48 -10.44
C ARG E 109 -34.04 21.72 -10.18
N VAL E 110 -35.00 21.57 -9.27
CA VAL E 110 -35.92 22.64 -8.93
C VAL E 110 -35.28 23.50 -7.80
N LEU E 111 -35.42 24.80 -7.97
CA LEU E 111 -34.94 25.78 -7.05
C LEU E 111 -36.12 26.22 -6.22
N SER E 112 -36.29 25.55 -5.06
CA SER E 112 -37.39 25.88 -4.18
C SER E 112 -36.98 25.52 -2.74
N PRO E 113 -36.25 26.44 -2.06
CA PRO E 113 -35.70 26.20 -0.71
C PRO E 113 -36.71 25.74 0.32
N LEU E 114 -36.35 24.74 1.12
CA LEU E 114 -37.18 24.36 2.26
C LEU E 114 -36.84 25.36 3.36
N ASP E 115 -37.88 25.74 4.10
CA ASP E 115 -37.78 26.81 5.09
C ASP E 115 -36.91 26.43 6.31
N SER E 123 -45.05 22.13 8.32
CA SER E 123 -45.62 22.04 6.98
C SER E 123 -45.26 23.23 6.08
N GLN E 124 -44.97 22.93 4.81
CA GLN E 124 -44.59 23.97 3.83
C GLN E 124 -44.87 23.66 2.35
N THR E 125 -44.78 24.69 1.51
CA THR E 125 -45.16 24.56 0.13
C THR E 125 -43.95 24.85 -0.76
N LEU E 126 -43.55 23.87 -1.54
CA LEU E 126 -42.53 24.08 -2.56
C LEU E 126 -43.21 24.37 -3.93
N HIS E 127 -42.50 25.01 -4.84
CA HIS E 127 -43.10 25.43 -6.08
C HIS E 127 -42.33 25.01 -7.31
N ILE E 128 -43.07 24.67 -8.36
CA ILE E 128 -42.52 24.61 -9.68
C ILE E 128 -43.32 25.53 -10.57
N TYR E 129 -42.71 26.59 -11.06
CA TYR E 129 -43.39 27.57 -11.90
C TYR E 129 -43.14 27.24 -13.34
N LEU E 130 -44.20 27.30 -14.15
CA LEU E 130 -44.14 27.15 -15.61
C LEU E 130 -44.71 28.35 -16.32
N ILE E 131 -44.04 28.75 -17.40
CA ILE E 131 -44.57 29.72 -18.35
C ILE E 131 -44.45 29.15 -19.78
N VAL E 132 -45.13 29.79 -20.72
CA VAL E 132 -45.06 29.42 -22.10
C VAL E 132 -44.60 30.62 -22.96
N ARG E 133 -43.84 30.34 -24.03
CA ARG E 133 -43.30 31.40 -24.87
C ARG E 133 -44.44 31.94 -25.69
N SER E 134 -44.38 33.25 -25.92
CA SER E 134 -45.43 33.94 -26.67
C SER E 134 -45.22 33.78 -28.14
N VAL E 135 -46.30 33.80 -28.90
CA VAL E 135 -46.21 33.87 -30.36
C VAL E 135 -47.05 35.05 -30.82
N ASP E 136 -46.82 35.59 -32.01
CA ASP E 136 -47.64 36.81 -32.32
C ASP E 136 -49.01 36.56 -32.96
N THR E 137 -49.18 35.40 -33.60
CA THR E 137 -50.48 35.09 -34.21
C THR E 137 -51.52 34.58 -33.23
N ARG E 138 -51.08 34.14 -32.03
CA ARG E 138 -52.00 33.71 -30.97
C ARG E 138 -51.63 34.20 -29.59
N ASN E 139 -52.65 34.51 -28.80
CA ASN E 139 -52.44 34.59 -27.37
C ASN E 139 -52.44 33.13 -26.78
N ILE E 140 -51.29 32.68 -26.25
CA ILE E 140 -51.23 31.36 -25.60
C ILE E 140 -51.40 31.41 -24.10
N VAL E 141 -52.35 30.64 -23.61
CA VAL E 141 -52.77 30.66 -22.21
C VAL E 141 -52.55 29.24 -21.59
N LEU E 142 -51.89 29.19 -20.43
CA LEU E 142 -51.71 27.94 -19.72
C LEU E 142 -52.86 27.67 -18.80
N ALA E 143 -53.34 26.43 -18.81
CA ALA E 143 -54.35 25.96 -17.87
C ALA E 143 -53.87 24.65 -17.23
N VAL E 144 -54.53 24.26 -16.15
CA VAL E 144 -54.21 23.04 -15.46
C VAL E 144 -55.24 22.00 -15.77
N ASP E 145 -54.81 20.80 -16.19
CA ASP E 145 -55.75 19.66 -16.25
C ASP E 145 -55.52 18.74 -15.03
N LEU E 146 -56.37 18.84 -14.00
CA LEU E 146 -56.13 18.13 -12.72
C LEU E 146 -56.13 16.60 -12.88
N GLU E 147 -56.75 16.12 -13.94
CA GLU E 147 -56.71 14.68 -14.21
C GLU E 147 -55.33 14.16 -14.59
N LYS E 148 -54.47 15.08 -15.03
CA LYS E 148 -53.12 14.76 -15.43
C LYS E 148 -52.08 15.25 -14.39
N VAL E 149 -52.57 15.71 -13.26
CA VAL E 149 -51.71 16.12 -12.18
C VAL E 149 -51.72 15.04 -11.11
N GLY E 150 -50.56 14.51 -10.77
CA GLY E 150 -50.50 13.57 -9.67
C GLY E 150 -49.10 13.26 -9.20
N LYS E 151 -48.98 12.22 -8.37
CA LYS E 151 -47.72 11.81 -7.83
C LYS E 151 -47.75 10.27 -7.62
N ASN E 152 -46.59 9.66 -7.81
CA ASN E 152 -46.41 8.24 -7.57
C ASN E 152 -46.66 7.83 -6.12
N ASP E 153 -46.27 8.64 -5.15
CA ASP E 153 -46.60 8.30 -3.78
C ASP E 153 -46.62 9.45 -2.81
N ASP E 154 -46.60 9.14 -1.53
CA ASP E 154 -46.86 10.11 -0.49
C ASP E 154 -45.55 10.62 0.13
N VAL E 155 -44.41 10.09 -0.32
CA VAL E 155 -43.15 10.47 0.28
C VAL E 155 -42.46 11.43 -0.64
N PHE E 156 -42.09 12.61 -0.14
CA PHE E 156 -41.44 13.64 -0.97
C PHE E 156 -40.04 13.13 -1.27
N LEU E 157 -39.27 13.03 -0.23
CA LEU E 157 -37.97 12.42 -0.25
C LEU E 157 -37.66 12.19 1.20
N THR E 158 -36.48 11.66 1.46
CA THR E 158 -36.17 11.10 2.76
C THR E 158 -36.40 12.11 3.89
N GLY E 159 -37.36 11.86 4.77
CA GLY E 159 -37.62 12.80 5.84
C GLY E 159 -38.92 13.57 5.73
N TRP E 160 -39.55 13.52 4.55
CA TRP E 160 -40.66 14.42 4.26
C TRP E 160 -41.78 13.71 3.56
N ASP E 161 -43.00 13.96 4.00
CA ASP E 161 -44.18 13.45 3.33
C ASP E 161 -44.72 14.49 2.36
N ILE E 162 -45.46 14.04 1.36
CA ILE E 162 -46.29 14.91 0.56
C ILE E 162 -47.73 14.92 1.05
N GLU E 163 -48.18 16.09 1.46
CA GLU E 163 -49.58 16.29 1.77
C GLU E 163 -50.42 16.44 0.50
N SER E 164 -49.98 17.29 -0.43
CA SER E 164 -50.71 17.43 -1.70
C SER E 164 -49.87 17.95 -2.82
N PHE E 165 -50.36 17.79 -4.04
CA PHE E 165 -49.71 18.29 -5.23
C PHE E 165 -50.85 18.81 -6.07
N THR E 166 -50.93 20.12 -6.21
CA THR E 166 -51.88 20.75 -7.11
C THR E 166 -51.20 21.84 -7.87
N ALA E 167 -51.99 22.54 -8.67
CA ALA E 167 -51.51 23.61 -9.51
C ALA E 167 -52.58 24.69 -9.55
N VAL E 168 -52.11 25.91 -9.79
CA VAL E 168 -52.87 27.14 -9.66
C VAL E 168 -52.34 28.02 -10.81
N VAL E 169 -53.19 28.51 -11.72
CA VAL E 169 -52.76 29.60 -12.60
C VAL E 169 -52.77 30.91 -11.79
N LYS E 170 -51.59 31.50 -11.65
CA LYS E 170 -51.36 32.74 -10.89
C LYS E 170 -50.95 33.85 -11.79
N PRO E 171 -51.15 35.09 -11.32
CA PRO E 171 -50.59 36.22 -12.01
C PRO E 171 -49.03 36.14 -12.05
N ALA E 172 -48.43 36.59 -13.15
CA ALA E 172 -46.98 36.61 -13.27
C ALA E 172 -46.37 37.93 -12.86
N ASN E 173 -45.25 37.87 -12.13
CA ASN E 173 -44.45 39.05 -11.78
C ASN E 173 -43.68 39.61 -13.02
N PHE E 174 -44.41 40.07 -14.04
CA PHE E 174 -43.86 40.52 -15.34
C PHE E 174 -44.90 41.00 -16.42
N ALA E 175 -44.42 41.69 -17.46
CA ALA E 175 -45.29 42.54 -18.31
C ALA E 175 -45.90 41.94 -19.60
N LEU E 176 -46.95 42.61 -20.12
CA LEU E 176 -47.60 42.37 -21.43
C LEU E 176 -49.05 42.86 -21.40
N LEU E 180 -47.20 38.13 -21.12
CA LEU E 180 -46.71 37.24 -20.08
C LEU E 180 -47.41 37.58 -18.77
N GLU E 181 -48.67 37.19 -18.69
CA GLU E 181 -49.55 37.72 -17.70
C GLU E 181 -49.82 36.73 -16.59
N SER E 182 -49.57 35.48 -16.89
CA SER E 182 -49.65 34.41 -15.92
C SER E 182 -48.56 33.40 -16.12
N LYS E 183 -48.77 32.31 -15.45
CA LYS E 183 -47.80 31.30 -15.19
C LYS E 183 -48.53 30.30 -14.31
N LEU E 184 -48.05 29.07 -14.35
CA LEU E 184 -48.64 28.03 -13.55
C LEU E 184 -47.82 27.77 -12.34
N ASP E 185 -48.47 27.63 -11.21
CA ASP E 185 -47.77 27.40 -9.97
C ASP E 185 -48.11 25.99 -9.53
N TYR E 186 -47.14 25.08 -9.68
CA TYR E 186 -47.35 23.73 -9.20
C TYR E 186 -46.92 23.69 -7.77
N GLN E 187 -47.84 23.32 -6.90
CA GLN E 187 -47.61 23.46 -5.45
C GLN E 187 -47.46 22.11 -4.79
N LEU E 188 -46.28 21.88 -4.22
CA LEU E 188 -46.03 20.65 -3.49
C LEU E 188 -46.03 20.90 -1.98
N ARG E 189 -47.10 20.50 -1.34
CA ARG E 189 -47.13 20.72 0.11
C ARG E 189 -46.59 19.52 0.86
N ILE E 190 -45.61 19.76 1.71
CA ILE E 190 -44.88 18.70 2.34
C ILE E 190 -44.86 18.90 3.86
N SER E 191 -44.61 17.83 4.60
CA SER E 191 -44.39 17.96 6.04
C SER E 191 -43.40 16.96 6.56
N ARG E 192 -42.67 17.35 7.61
CA ARG E 192 -41.74 16.44 8.28
C ARG E 192 -42.41 15.13 8.74
N GLN E 193 -41.71 14.02 8.56
CA GLN E 193 -42.20 12.71 9.01
C GLN E 193 -42.18 12.54 10.52
N MET F 4 -40.51 1.41 -44.11
CA MET F 4 -39.51 0.32 -43.79
C MET F 4 -38.73 0.51 -42.48
N VAL F 5 -38.41 1.78 -42.13
CA VAL F 5 -38.14 2.19 -40.76
C VAL F 5 -39.45 2.74 -40.20
N SER F 6 -40.55 2.43 -40.86
CA SER F 6 -41.85 2.49 -40.19
C SER F 6 -42.13 1.13 -39.48
N PRO F 7 -43.07 1.11 -38.52
CA PRO F 7 -43.45 -0.10 -37.77
C PRO F 7 -43.99 -1.24 -38.65
N PRO F 8 -43.78 -2.48 -38.24
CA PRO F 8 -44.26 -3.58 -39.07
C PRO F 8 -45.79 -3.59 -39.16
N PRO F 9 -46.30 -3.87 -40.36
CA PRO F 9 -47.75 -3.97 -40.52
C PRO F 9 -48.28 -5.29 -39.92
N PRO F 10 -49.51 -5.28 -39.37
CA PRO F 10 -50.11 -6.39 -38.61
C PRO F 10 -49.23 -7.68 -38.52
N GLU F 14 -54.33 -5.79 -35.06
CA GLU F 14 -53.72 -6.53 -33.94
C GLU F 14 -52.42 -5.86 -33.41
N PRO F 15 -52.20 -5.95 -32.09
CA PRO F 15 -51.02 -5.36 -31.43
C PRO F 15 -49.68 -6.06 -31.72
N LEU F 16 -48.63 -5.27 -31.67
CA LEU F 16 -47.25 -5.73 -31.81
C LEU F 16 -46.76 -6.04 -30.40
N THR F 17 -46.55 -7.30 -30.09
CA THR F 17 -45.96 -7.69 -28.82
C THR F 17 -44.45 -7.51 -28.94
N VAL F 18 -43.91 -6.77 -27.99
CA VAL F 18 -42.48 -6.65 -27.81
C VAL F 18 -42.10 -7.32 -26.50
N ASN F 19 -41.43 -8.45 -26.60
CA ASN F 19 -40.89 -9.12 -25.45
C ASN F 19 -39.59 -8.46 -25.01
N THR F 20 -39.45 -8.27 -23.71
CA THR F 20 -38.29 -7.62 -23.16
C THR F 20 -37.67 -8.49 -22.12
N GLY F 21 -36.37 -8.28 -21.88
CA GLY F 21 -35.65 -8.97 -20.80
C GLY F 21 -34.61 -8.03 -20.31
N ILE F 22 -34.27 -8.09 -19.04
CA ILE F 22 -33.11 -7.35 -18.58
C ILE F 22 -32.21 -8.37 -17.86
N TYR F 23 -30.96 -8.38 -18.20
CA TYR F 23 -30.03 -9.19 -17.50
C TYR F 23 -29.08 -8.28 -16.73
N LEU F 24 -29.10 -8.33 -15.41
CA LEU F 24 -28.27 -7.39 -14.63
C LEU F 24 -26.79 -7.83 -14.64
N ILE F 25 -25.91 -6.90 -15.01
CA ILE F 25 -24.48 -7.22 -14.93
C ILE F 25 -23.92 -6.76 -13.57
N GLU F 26 -24.20 -5.52 -13.20
CA GLU F 26 -23.74 -5.01 -11.92
C GLU F 26 -24.62 -3.87 -11.50
N CYS F 27 -24.94 -3.84 -10.21
CA CYS F 27 -25.51 -2.67 -9.56
C CYS F 27 -24.43 -2.09 -8.63
N TYR F 28 -24.36 -0.75 -8.54
CA TYR F 28 -23.30 -0.08 -7.83
C TYR F 28 -23.61 1.39 -7.59
N SER F 29 -22.78 2.00 -6.73
CA SER F 29 -22.78 3.41 -6.49
C SER F 29 -24.14 3.93 -6.00
N LEU F 30 -24.70 3.23 -5.02
CA LEU F 30 -25.79 3.74 -4.22
C LEU F 30 -25.37 5.12 -3.64
N ASP F 31 -26.21 6.15 -3.78
CA ASP F 31 -25.83 7.49 -3.34
C ASP F 31 -25.97 7.61 -1.83
N ASP F 32 -25.48 8.74 -1.27
CA ASP F 32 -25.47 8.95 0.19
C ASP F 32 -26.87 8.85 0.77
N LYS F 33 -27.90 9.15 0.00
CA LYS F 33 -29.24 9.15 0.61
C LYS F 33 -29.99 7.85 0.36
N ALA F 34 -29.31 6.91 -0.30
CA ALA F 34 -29.89 5.63 -0.74
C ALA F 34 -31.14 5.85 -1.62
N GLU F 35 -31.07 6.87 -2.46
CA GLU F 35 -32.22 7.17 -3.30
C GLU F 35 -32.03 6.58 -4.67
N THR F 36 -30.80 6.52 -5.15
CA THR F 36 -30.55 6.19 -6.52
C THR F 36 -29.32 5.27 -6.49
N PHE F 37 -29.12 4.53 -7.59
CA PHE F 37 -27.97 3.65 -7.73
C PHE F 37 -27.82 3.41 -9.22
N LYS F 38 -26.59 3.08 -9.62
CA LYS F 38 -26.32 2.77 -11.02
C LYS F 38 -26.54 1.29 -11.39
N VAL F 39 -26.96 1.09 -12.61
CA VAL F 39 -27.20 -0.26 -13.08
C VAL F 39 -26.48 -0.42 -14.40
N ASN F 40 -25.75 -1.50 -14.51
CA ASN F 40 -25.21 -1.92 -15.78
C ASN F 40 -25.87 -3.26 -16.18
N ALA F 41 -26.34 -3.39 -17.41
CA ALA F 41 -27.20 -4.52 -17.79
C ALA F 41 -27.37 -4.69 -19.32
N PHE F 42 -27.86 -5.85 -19.70
CA PHE F 42 -28.33 -6.06 -21.05
C PHE F 42 -29.84 -5.85 -21.09
N LEU F 43 -30.30 -5.20 -22.16
CA LEU F 43 -31.70 -5.14 -22.45
C LEU F 43 -31.93 -5.94 -23.72
N SER F 44 -32.86 -6.88 -23.69
CA SER F 44 -33.28 -7.67 -24.87
C SER F 44 -34.64 -7.26 -25.29
N LEU F 45 -34.86 -7.17 -26.60
CA LEU F 45 -36.17 -6.92 -27.12
C LEU F 45 -36.38 -7.91 -28.24
N SER F 46 -37.59 -8.37 -28.37
CA SER F 46 -37.93 -9.31 -29.41
C SER F 46 -39.32 -8.98 -29.95
N TRP F 47 -39.49 -8.96 -31.27
CA TRP F 47 -40.80 -8.76 -31.89
C TRP F 47 -40.76 -9.35 -33.29
N LYS F 48 -41.93 -9.47 -33.93
CA LYS F 48 -42.02 -9.92 -35.30
C LYS F 48 -42.11 -8.80 -36.32
N ASP F 49 -41.31 -8.91 -37.38
CA ASP F 49 -41.39 -8.00 -38.52
C ASP F 49 -41.37 -8.89 -39.79
N ARG F 50 -42.57 -9.17 -40.31
CA ARG F 50 -42.73 -10.11 -41.40
C ARG F 50 -42.13 -9.61 -42.69
N ARG F 51 -41.91 -8.31 -42.85
CA ARG F 51 -41.21 -7.78 -44.03
C ARG F 51 -39.77 -8.27 -44.11
N LEU F 52 -39.24 -8.81 -43.02
CA LEU F 52 -37.82 -9.19 -42.91
C LEU F 52 -37.72 -10.73 -43.10
N ALA F 53 -38.87 -11.38 -43.24
CA ALA F 53 -38.86 -12.84 -43.28
C ALA F 53 -38.13 -13.27 -44.54
N PHE F 54 -37.42 -14.38 -44.42
CA PHE F 54 -36.56 -14.82 -45.47
C PHE F 54 -36.45 -16.34 -45.47
N ASP F 55 -36.12 -16.85 -46.62
CA ASP F 55 -35.99 -18.26 -46.79
C ASP F 55 -34.50 -18.57 -46.56
N PRO F 56 -34.20 -19.32 -45.50
CA PRO F 56 -32.85 -19.49 -45.12
C PRO F 56 -31.93 -20.25 -46.11
N VAL F 57 -32.38 -21.19 -46.89
CA VAL F 57 -31.42 -21.75 -47.79
C VAL F 57 -31.13 -20.86 -49.00
N ARG F 58 -32.15 -20.18 -49.54
CA ARG F 58 -31.87 -19.36 -50.69
C ARG F 58 -30.97 -18.19 -50.30
N SER F 59 -31.10 -17.68 -49.10
CA SER F 59 -30.41 -16.42 -48.94
C SER F 59 -29.04 -16.57 -48.40
N GLY F 60 -28.63 -17.81 -48.13
CA GLY F 60 -27.26 -18.12 -47.72
C GLY F 60 -26.84 -17.69 -46.32
N VAL F 61 -27.77 -17.38 -45.40
CA VAL F 61 -27.44 -17.05 -44.01
C VAL F 61 -28.56 -17.67 -43.22
N ARG F 62 -28.32 -18.03 -41.97
CA ARG F 62 -29.36 -18.66 -41.16
C ARG F 62 -30.13 -17.63 -40.39
N VAL F 63 -29.43 -16.52 -40.18
CA VAL F 63 -29.79 -15.39 -39.34
C VAL F 63 -29.19 -14.16 -40.01
N LYS F 64 -29.96 -13.10 -40.16
CA LYS F 64 -29.48 -11.90 -40.78
C LYS F 64 -29.18 -10.87 -39.69
N THR F 65 -28.16 -10.06 -39.95
CA THR F 65 -27.67 -9.10 -38.98
C THR F 65 -28.00 -7.75 -39.52
N TYR F 66 -28.48 -6.85 -38.66
CA TYR F 66 -28.83 -5.52 -39.16
C TYR F 66 -28.20 -4.47 -38.28
N GLU F 67 -28.16 -3.27 -38.82
CA GLU F 67 -27.67 -2.14 -38.09
C GLU F 67 -28.92 -1.34 -37.70
N PRO F 68 -28.92 -0.72 -36.50
CA PRO F 68 -30.15 -0.12 -35.97
C PRO F 68 -30.82 0.86 -36.92
N GLU F 69 -30.04 1.56 -37.74
CA GLU F 69 -30.58 2.54 -38.66
C GLU F 69 -31.38 1.90 -39.79
N ALA F 70 -31.11 0.63 -40.11
CA ALA F 70 -31.68 -0.03 -41.28
C ALA F 70 -33.04 -0.67 -41.03
N ILE F 71 -33.47 -0.81 -39.77
CA ILE F 71 -34.78 -1.37 -39.46
C ILE F 71 -35.54 -0.58 -38.39
N TRP F 72 -36.85 -0.78 -38.32
CA TRP F 72 -37.68 -0.22 -37.22
C TRP F 72 -37.40 -0.96 -35.92
N ILE F 73 -37.18 -0.21 -34.84
CA ILE F 73 -36.90 -0.74 -33.53
C ILE F 73 -37.82 -0.02 -32.51
N PRO F 74 -38.55 -0.78 -31.67
CA PRO F 74 -39.35 -0.06 -30.69
C PRO F 74 -38.49 0.91 -29.84
N GLU F 75 -39.03 2.06 -29.50
CA GLU F 75 -38.34 3.00 -28.65
C GLU F 75 -38.79 2.82 -27.21
N ILE F 76 -37.89 2.29 -26.40
CA ILE F 76 -38.16 1.99 -25.02
C ILE F 76 -37.66 3.16 -24.20
N ARG F 77 -38.46 3.59 -23.22
CA ARG F 77 -38.04 4.60 -22.29
C ARG F 77 -38.11 4.06 -20.86
N PHE F 78 -37.01 4.12 -20.15
CA PHE F 78 -37.07 3.82 -18.73
C PHE F 78 -37.73 5.02 -18.05
N VAL F 79 -38.69 4.79 -17.16
CA VAL F 79 -39.39 5.89 -16.54
C VAL F 79 -38.57 6.53 -15.43
N ASN F 80 -38.16 5.74 -14.45
CA ASN F 80 -37.54 6.24 -13.24
C ASN F 80 -36.02 6.09 -13.31
N VAL F 81 -35.43 6.81 -14.25
CA VAL F 81 -34.00 6.96 -14.35
C VAL F 81 -33.65 8.45 -14.38
N GLU F 82 -32.49 8.84 -13.88
CA GLU F 82 -32.05 10.23 -13.92
C GLU F 82 -32.00 10.83 -15.32
N ASN F 83 -31.27 10.18 -16.22
CA ASN F 83 -31.23 10.58 -17.63
C ASN F 83 -31.57 9.39 -18.50
N ALA F 84 -32.04 9.62 -19.72
CA ALA F 84 -32.18 8.51 -20.69
C ALA F 84 -30.97 7.57 -20.53
N ARG F 85 -31.20 6.26 -20.53
CA ARG F 85 -30.14 5.34 -20.33
C ARG F 85 -29.07 5.58 -21.37
N ASP F 86 -27.85 5.17 -21.04
CA ASP F 86 -26.76 5.23 -22.01
C ASP F 86 -26.62 3.81 -22.57
N ALA F 87 -26.93 3.67 -23.84
CA ALA F 87 -27.00 2.34 -24.47
C ALA F 87 -26.02 2.19 -25.64
N ASP F 88 -25.44 1.00 -25.76
CA ASP F 88 -24.73 0.57 -26.95
C ASP F 88 -25.38 -0.72 -27.48
N VAL F 89 -25.82 -0.66 -28.74
CA VAL F 89 -26.29 -1.87 -29.45
C VAL F 89 -25.22 -2.98 -29.56
N VAL F 90 -25.54 -4.18 -29.11
CA VAL F 90 -24.62 -5.29 -29.18
C VAL F 90 -24.96 -6.14 -30.42
N ASP F 91 -26.23 -6.54 -30.53
CA ASP F 91 -26.68 -7.46 -31.59
C ASP F 91 -28.12 -7.19 -32.02
N ILE F 92 -28.33 -7.12 -33.31
CA ILE F 92 -29.67 -7.19 -33.90
C ILE F 92 -29.62 -8.33 -34.88
N SER F 93 -30.42 -9.35 -34.65
CA SER F 93 -30.41 -10.44 -35.57
C SER F 93 -31.83 -10.93 -35.91
N VAL F 94 -32.07 -11.20 -37.19
CA VAL F 94 -33.41 -11.56 -37.62
C VAL F 94 -33.46 -13.05 -38.00
N SER F 95 -34.49 -13.74 -37.57
CA SER F 95 -34.73 -15.15 -37.91
C SER F 95 -35.52 -15.23 -39.19
N PRO F 96 -35.51 -16.40 -39.88
CA PRO F 96 -36.27 -16.62 -41.10
C PRO F 96 -37.73 -16.20 -41.04
N ASP F 97 -38.40 -16.40 -39.93
CA ASP F 97 -39.80 -16.04 -39.80
C ASP F 97 -40.04 -14.57 -39.52
N GLY F 98 -38.99 -13.78 -39.45
CA GLY F 98 -39.14 -12.33 -39.25
C GLY F 98 -39.01 -11.90 -37.79
N THR F 99 -38.70 -12.82 -36.88
CA THR F 99 -38.45 -12.48 -35.49
C THR F 99 -37.14 -11.70 -35.36
N VAL F 100 -37.23 -10.50 -34.80
CA VAL F 100 -36.08 -9.69 -34.57
C VAL F 100 -35.67 -9.88 -33.11
N GLN F 101 -34.40 -10.18 -32.90
CA GLN F 101 -33.82 -10.19 -31.57
C GLN F 101 -32.88 -9.03 -31.48
N TYR F 102 -33.17 -8.11 -30.58
CA TYR F 102 -32.34 -6.91 -30.35
C TYR F 102 -31.67 -7.03 -28.99
N LEU F 103 -30.36 -6.74 -28.90
CA LEU F 103 -29.64 -6.73 -27.61
C LEU F 103 -28.77 -5.47 -27.46
N GLU F 104 -28.89 -4.80 -26.31
CA GLU F 104 -28.07 -3.64 -26.03
C GLU F 104 -27.50 -3.80 -24.65
N ARG F 105 -26.37 -3.14 -24.40
CA ARG F 105 -25.81 -3.04 -23.06
C ARG F 105 -26.11 -1.59 -22.67
N PHE F 106 -26.70 -1.41 -21.50
CA PHE F 106 -26.99 -0.05 -21.06
C PHE F 106 -26.45 0.26 -19.68
N SER F 107 -26.39 1.56 -19.40
CA SER F 107 -26.07 2.08 -18.10
C SER F 107 -27.13 3.07 -17.72
N ALA F 108 -27.52 3.14 -16.46
CA ALA F 108 -28.49 4.17 -16.06
C ALA F 108 -28.40 4.38 -14.58
N ARG F 109 -28.80 5.56 -14.12
CA ARG F 109 -28.95 5.77 -12.68
C ARG F 109 -30.43 5.61 -12.42
N VAL F 110 -30.77 4.61 -11.60
CA VAL F 110 -32.14 4.28 -11.36
C VAL F 110 -32.61 5.03 -10.11
N LEU F 111 -33.83 5.59 -10.18
CA LEU F 111 -34.38 6.36 -9.09
C LEU F 111 -35.39 5.41 -8.42
N SER F 112 -34.97 4.77 -7.33
CA SER F 112 -35.79 3.82 -6.61
C SER F 112 -35.28 3.74 -5.20
N PRO F 113 -35.72 4.68 -4.34
CA PRO F 113 -35.13 4.84 -3.01
C PRO F 113 -35.27 3.60 -2.14
N LEU F 114 -34.23 3.25 -1.40
CA LEU F 114 -34.32 2.23 -0.36
C LEU F 114 -35.05 2.84 0.82
N ASP F 115 -35.96 2.08 1.40
CA ASP F 115 -36.82 2.54 2.49
C ASP F 115 -36.03 2.88 3.78
N ASP F 122 -33.89 -5.85 7.13
CA ASP F 122 -35.03 -5.44 6.27
C ASP F 122 -34.90 -5.96 4.82
N SER F 123 -36.03 -5.95 4.13
CA SER F 123 -36.09 -6.25 2.71
C SER F 123 -36.60 -5.02 1.97
N GLN F 124 -36.49 -5.04 0.64
CA GLN F 124 -36.86 -3.90 -0.21
C GLN F 124 -37.16 -4.39 -1.61
N THR F 125 -38.21 -3.82 -2.21
CA THR F 125 -38.47 -4.05 -3.61
C THR F 125 -38.11 -2.74 -4.30
N LEU F 126 -37.10 -2.80 -5.13
CA LEU F 126 -36.77 -1.65 -5.95
C LEU F 126 -37.34 -1.88 -7.34
N HIS F 127 -37.55 -0.80 -8.09
CA HIS F 127 -38.23 -0.89 -9.38
C HIS F 127 -37.45 -0.27 -10.52
N ILE F 128 -37.51 -0.91 -11.69
CA ILE F 128 -37.20 -0.24 -12.92
C ILE F 128 -38.45 -0.32 -13.84
N TYR F 129 -39.00 0.83 -14.17
CA TYR F 129 -40.21 0.89 -14.97
C TYR F 129 -39.90 1.16 -16.41
N LEU F 130 -40.55 0.44 -17.30
CA LEU F 130 -40.33 0.56 -18.75
C LEU F 130 -41.64 0.88 -19.46
N ILE F 131 -41.58 1.82 -20.38
CA ILE F 131 -42.68 2.02 -21.30
C ILE F 131 -42.14 2.12 -22.70
N VAL F 132 -43.04 2.16 -23.68
CA VAL F 132 -42.63 2.21 -25.07
C VAL F 132 -43.38 3.36 -25.73
N ARG F 133 -42.72 4.08 -26.62
CA ARG F 133 -43.42 5.08 -27.39
C ARG F 133 -44.46 4.50 -28.37
N SER F 134 -45.59 5.15 -28.42
CA SER F 134 -46.66 4.68 -29.25
C SER F 134 -46.42 5.07 -30.69
N VAL F 135 -46.99 4.29 -31.60
CA VAL F 135 -47.03 4.60 -33.04
C VAL F 135 -48.48 4.51 -33.49
N ASP F 136 -48.86 5.16 -34.58
CA ASP F 136 -50.30 5.10 -34.94
C ASP F 136 -50.76 3.88 -35.74
N THR F 137 -49.86 3.30 -36.52
CA THR F 137 -50.22 2.16 -37.33
C THR F 137 -50.31 0.85 -36.57
N ARG F 138 -49.72 0.77 -35.37
CA ARG F 138 -49.83 -0.43 -34.51
C ARG F 138 -50.02 -0.11 -33.05
N ASN F 139 -50.80 -0.94 -32.37
CA ASN F 139 -50.79 -0.96 -30.93
C ASN F 139 -49.55 -1.73 -30.43
N ILE F 140 -48.57 -1.06 -29.82
CA ILE F 140 -47.42 -1.76 -29.27
C ILE F 140 -47.57 -2.15 -27.82
N VAL F 141 -47.41 -3.45 -27.54
CA VAL F 141 -47.63 -3.99 -26.21
C VAL F 141 -46.37 -4.67 -25.64
N LEU F 142 -45.84 -4.12 -24.57
CA LEU F 142 -44.69 -4.73 -23.90
C LEU F 142 -45.08 -5.97 -23.14
N ALA F 143 -44.28 -7.02 -23.31
CA ALA F 143 -44.38 -8.26 -22.54
C ALA F 143 -43.00 -8.55 -21.93
N VAL F 144 -42.94 -9.56 -21.07
CA VAL F 144 -41.70 -10.00 -20.42
C VAL F 144 -41.36 -11.39 -20.86
N ASP F 145 -40.16 -11.61 -21.39
CA ASP F 145 -39.67 -12.96 -21.64
C ASP F 145 -38.73 -13.36 -20.48
N LEU F 146 -39.25 -14.17 -19.56
CA LEU F 146 -38.49 -14.56 -18.35
C LEU F 146 -37.19 -15.31 -18.57
N GLU F 147 -37.06 -15.97 -19.72
CA GLU F 147 -35.78 -16.60 -20.08
C GLU F 147 -34.65 -15.61 -20.31
N LYS F 148 -35.01 -14.35 -20.54
CA LYS F 148 -34.07 -13.28 -20.81
C LYS F 148 -34.05 -12.30 -19.61
N VAL F 149 -34.68 -12.68 -18.51
CA VAL F 149 -34.59 -11.93 -17.29
C VAL F 149 -33.69 -12.63 -16.25
N GLY F 150 -32.65 -11.95 -15.79
CA GLY F 150 -31.72 -12.57 -14.83
C GLY F 150 -30.75 -11.58 -14.26
N LYS F 151 -29.80 -12.14 -13.51
CA LYS F 151 -28.75 -11.40 -12.84
C LYS F 151 -27.48 -12.23 -12.79
N ASN F 152 -26.35 -11.53 -12.88
CA ASN F 152 -25.05 -12.13 -12.76
C ASN F 152 -24.80 -12.80 -11.40
N ASP F 153 -25.30 -12.22 -10.30
CA ASP F 153 -25.14 -12.87 -8.99
C ASP F 153 -26.15 -12.46 -7.96
N ASP F 154 -25.95 -12.87 -6.71
CA ASP F 154 -26.91 -12.70 -5.64
C ASP F 154 -26.63 -11.47 -4.81
N VAL F 155 -25.63 -10.67 -5.20
CA VAL F 155 -25.32 -9.48 -4.37
C VAL F 155 -25.87 -8.26 -5.09
N PHE F 156 -26.72 -7.48 -4.43
CA PHE F 156 -27.18 -6.25 -5.06
C PHE F 156 -25.96 -5.33 -5.19
N LEU F 157 -25.51 -4.87 -4.06
CA LEU F 157 -24.34 -4.06 -3.97
C LEU F 157 -23.96 -4.18 -2.53
N THR F 158 -22.95 -3.43 -2.14
CA THR F 158 -22.34 -3.59 -0.82
C THR F 158 -23.39 -3.43 0.28
N GLY F 159 -23.57 -4.48 1.08
CA GLY F 159 -24.55 -4.48 2.16
C GLY F 159 -25.87 -5.21 1.90
N TRP F 160 -26.16 -5.54 0.64
CA TRP F 160 -27.46 -6.05 0.29
C TRP F 160 -27.42 -7.24 -0.64
N ASP F 161 -28.22 -8.26 -0.30
CA ASP F 161 -28.41 -9.40 -1.19
C ASP F 161 -29.60 -9.21 -2.12
N ILE F 162 -29.51 -9.78 -3.33
CA ILE F 162 -30.68 -9.95 -4.17
C ILE F 162 -31.37 -11.26 -3.86
N GLU F 163 -32.64 -11.15 -3.49
CA GLU F 163 -33.50 -12.30 -3.31
C GLU F 163 -34.05 -12.76 -4.65
N SER F 164 -34.49 -11.83 -5.51
CA SER F 164 -35.07 -12.19 -6.80
C SER F 164 -35.13 -11.00 -7.74
N PHE F 165 -35.22 -11.30 -9.01
CA PHE F 165 -35.38 -10.29 -10.02
C PHE F 165 -36.40 -10.84 -10.98
N THR F 166 -37.57 -10.20 -11.01
CA THR F 166 -38.62 -10.56 -11.97
C THR F 166 -39.27 -9.33 -12.50
N ALA F 167 -40.22 -9.52 -13.41
CA ALA F 167 -40.91 -8.42 -14.03
C ALA F 167 -42.39 -8.74 -14.06
N VAL F 168 -43.18 -7.68 -13.98
CA VAL F 168 -44.59 -7.76 -13.88
C VAL F 168 -45.19 -6.77 -14.87
N VAL F 169 -46.31 -7.16 -15.46
CA VAL F 169 -47.01 -6.32 -16.45
C VAL F 169 -48.13 -5.54 -15.79
N LYS F 170 -48.22 -4.25 -16.08
CA LYS F 170 -49.30 -3.35 -15.60
C LYS F 170 -49.85 -2.52 -16.74
N PRO F 171 -51.13 -2.09 -16.62
CA PRO F 171 -51.62 -1.13 -17.61
C PRO F 171 -50.94 0.22 -17.40
N ALA F 172 -50.44 0.77 -18.51
CA ALA F 172 -49.93 2.14 -18.57
C ALA F 172 -51.07 3.15 -18.39
N ASN F 173 -50.92 4.01 -17.39
CA ASN F 173 -51.82 5.14 -17.13
C ASN F 173 -51.90 6.18 -18.28
N PHE F 174 -50.77 6.47 -18.92
CA PHE F 174 -50.72 7.39 -20.04
C PHE F 174 -50.65 6.62 -21.36
N ALA F 175 -51.72 5.94 -21.69
CA ALA F 175 -51.80 5.29 -22.99
C ALA F 175 -52.19 6.37 -24.00
N LEU F 176 -52.36 5.99 -25.29
CA LEU F 176 -53.11 6.78 -26.27
C LEU F 176 -54.60 6.70 -25.94
N GLU F 177 -55.45 7.26 -26.80
CA GLU F 177 -56.89 7.41 -26.51
C GLU F 177 -57.77 6.22 -26.14
N ASP F 178 -57.86 5.20 -27.00
CA ASP F 178 -58.76 4.05 -26.74
C ASP F 178 -57.89 2.77 -26.68
N ARG F 179 -56.66 2.88 -26.19
CA ARG F 179 -55.68 1.76 -26.28
C ARG F 179 -55.28 1.13 -24.95
N LEU F 180 -55.20 -0.21 -24.98
CA LEU F 180 -54.53 -0.96 -23.92
C LEU F 180 -53.01 -0.97 -24.23
N GLU F 181 -52.25 -0.23 -23.41
CA GLU F 181 -50.79 -0.14 -23.52
C GLU F 181 -50.20 -0.67 -22.21
N SER F 182 -48.95 -1.11 -22.20
CA SER F 182 -48.43 -1.60 -20.95
C SER F 182 -47.31 -0.73 -20.41
N LYS F 183 -47.05 -0.85 -19.12
CA LYS F 183 -45.75 -0.54 -18.60
C LYS F 183 -45.22 -1.80 -17.92
N LEU F 184 -43.92 -2.03 -18.00
CA LEU F 184 -43.32 -3.15 -17.33
C LEU F 184 -42.69 -2.66 -16.04
N ASP F 185 -42.92 -3.41 -14.98
CA ASP F 185 -42.32 -3.13 -13.71
C ASP F 185 -41.31 -4.25 -13.39
N TYR F 186 -40.01 -3.97 -13.56
CA TYR F 186 -38.96 -4.89 -13.19
C TYR F 186 -38.71 -4.70 -11.69
N GLN F 187 -38.81 -5.79 -10.97
CA GLN F 187 -38.79 -5.75 -9.53
C GLN F 187 -37.58 -6.45 -8.98
N LEU F 188 -36.75 -5.67 -8.29
CA LEU F 188 -35.56 -6.21 -7.66
C LEU F 188 -35.80 -6.36 -6.15
N ARG F 189 -35.88 -7.59 -5.68
CA ARG F 189 -36.12 -7.74 -4.28
C ARG F 189 -34.81 -7.98 -3.57
N ILE F 190 -34.55 -7.19 -2.54
CA ILE F 190 -33.28 -7.20 -1.86
C ILE F 190 -33.43 -7.32 -0.34
N SER F 191 -32.39 -7.76 0.33
CA SER F 191 -32.40 -7.77 1.79
C SER F 191 -31.03 -7.54 2.38
N ARG F 192 -30.99 -6.92 3.56
CA ARG F 192 -29.76 -6.62 4.27
C ARG F 192 -28.95 -7.87 4.53
N GLN F 193 -27.65 -7.75 4.35
CA GLN F 193 -26.78 -8.90 4.56
C GLN F 193 -26.62 -9.21 6.05
C ACY G . 49.62 -1.58 12.67
O ACY G . 48.57 -0.98 13.06
OXT ACY G . 50.66 -1.60 13.36
CH3 ACY G . 49.65 -2.28 11.34
NA NA H . 46.66 -2.14 4.89
HG HG I . 45.27 -3.15 33.34
CL CL J . 54.10 -3.89 18.41
C ACY K . 33.70 -16.29 13.55
O ACY K . 32.72 -17.02 13.79
OXT ACY K . 34.18 -15.54 14.42
CH3 ACY K . 34.34 -16.32 12.18
NA NA L . 32.69 -17.20 5.47
HG HG M . 33.25 -24.90 33.00
CL CL N . 38.29 -14.79 19.75
C ACY O . 38.98 -37.23 10.35
O ACY O . 39.13 -38.48 10.35
OXT ACY O . 38.51 -36.63 11.34
CH3 ACY O . 39.38 -36.47 9.11
NA NA P . 39.37 -37.15 2.07
HG HG Q . 45.54 -45.65 28.62
CL CL R . 39.86 -33.76 17.31
C ACY S . -27.68 39.43 -25.38
O ACY S . -28.84 39.82 -25.12
OXT ACY S . -26.71 39.60 -24.64
CH3 ACY S . -27.47 38.79 -26.69
NA NA T . -30.20 39.21 -33.32
HG HG U . -31.98 36.22 -4.82
CL CL V . -22.75 37.10 -19.70
C ACY W . -41.53 22.26 -25.04
O ACY W . -42.51 21.50 -24.89
OXT ACY W . -41.08 23.00 -24.14
CH3 ACY W . -40.89 22.25 -26.37
NA NA X . -42.33 20.87 -33.36
HG HG Y . -41.89 13.58 -5.63
CL CL Z . -37.34 24.23 -18.75
C ACY AA . -34.59 1.78 -28.08
O ACY AA . -34.39 0.54 -28.07
OXT ACY AA . -35.05 2.38 -27.10
CH3 ACY AA . -34.24 2.55 -29.32
NA NA BA . -34.10 1.97 -36.35
HG HG CA . -27.37 -5.86 -9.83
CL CL DA . -34.32 5.34 -21.15
#